data_6OBN
#
_entry.id   6OBN
#
_cell.length_a   94.147
_cell.length_b   94.147
_cell.length_c   545.819
_cell.angle_alpha   90.00
_cell.angle_beta   90.00
_cell.angle_gamma   120.00
#
_symmetry.space_group_name_H-M   'P 65 2 2'
#
loop_
_entity.id
_entity.type
_entity.pdbx_description
1 polymer 'Serine/threonine-protein phosphatase PP1-alpha catalytic subunit'
2 polymer 'Protein phosphatase 1 regulatory subunit 7'
3 non-polymer 'PHOSPHATE ION'
4 non-polymer 'FE (III) ION'
5 non-polymer 'CHLORIDE ION'
6 non-polymer (4S)-2-METHYL-2,4-PENTANEDIOL
7 water water
#
loop_
_entity_poly.entity_id
_entity_poly.type
_entity_poly.pdbx_seq_one_letter_code
_entity_poly.pdbx_strand_id
1 'polypeptide(L)'
;GHMGSMSDSEKLNLDSIIGRLLEVQGSRPGKNVQLTENEIRGLCLKSREIFLSQPILLELEAPLKICGDIHGQYYDLLRL
FEYGGFPPESNYLFLGDYVDRGKQSLETICLLLAYKIKYPENFFLLRGNHECASINRIYGFYDECKRRYNIKLWKTFTDC
FNCLPIAAIVDEKIFCCHGGLSPDLQSMEQIRRIMRPTDVPDQGLLCDLLWSDPDKDVQGWGENDRGVSFTFGAEVVAKF
LHKHDLDLICRAHQVVEDGYEFFAKRQLVTLFSAPNYCGEFDNAGAMMSVDETLMCSFQILKPAD
;
A,B
2 'polypeptide(L)'
;GHMGSEEDPEEEHELPVDMETINLDRDAEDVDLNHYRIGKIEGFEVLKKVKTLCLRQNLIKCIENLEELQSLRELDLYDN
QIKKIENLEALTELEILDISFNLLRNIEGVDKLTRLKKLFLVNNKISKIENLSNLHQLQMLELGSNRIRAIENIDTLTNL
ESLFLGKNKITKLQNLDALTNLTVLSMQSNRLTKIEGLQNLVNLRELYLSHNGIEVIEGLENNNKLTMLDIASNRIKKIE
NISHLTELQEFWMNDNLLESWSDLDELKGARSLETVYLERNPLQKDPQYRRKVMLALPSVRQIDATFVRF
;
C,D
#
loop_
_chem_comp.id
_chem_comp.type
_chem_comp.name
_chem_comp.formula
CL non-polymer 'CHLORIDE ION' 'Cl -1'
FE non-polymer 'FE (III) ION' 'Fe 3'
MPD non-polymer (4S)-2-METHYL-2,4-PENTANEDIOL 'C6 H14 O2'
PO4 non-polymer 'PHOSPHATE ION' 'O4 P -3'
#
# COMPACT_ATOMS: atom_id res chain seq x y z
N MET A 6 -35.88 -17.21 4.78
CA MET A 6 -35.77 -17.89 3.49
C MET A 6 -36.39 -19.29 3.55
N SER A 7 -37.10 -19.68 2.50
CA SER A 7 -37.71 -20.99 2.42
C SER A 7 -36.68 -22.05 2.02
N ASP A 8 -36.98 -23.31 2.35
CA ASP A 8 -36.13 -24.41 1.91
C ASP A 8 -36.18 -24.59 0.40
N SER A 9 -37.31 -24.27 -0.22
CA SER A 9 -37.37 -24.33 -1.68
C SER A 9 -36.48 -23.26 -2.30
N GLU A 10 -36.42 -22.08 -1.67
CA GLU A 10 -35.50 -21.05 -2.13
C GLU A 10 -34.06 -21.50 -1.99
N LYS A 11 -33.72 -22.12 -0.86
CA LYS A 11 -32.35 -22.60 -0.66
C LYS A 11 -31.98 -23.65 -1.70
N LEU A 12 -32.90 -24.56 -2.01
CA LEU A 12 -32.64 -25.57 -3.02
C LEU A 12 -32.25 -24.94 -4.36
N ASN A 13 -33.02 -23.96 -4.82
CA ASN A 13 -32.69 -23.39 -6.12
C ASN A 13 -31.45 -22.50 -6.03
N LEU A 14 -31.28 -21.80 -4.90
CA LEU A 14 -30.11 -20.95 -4.73
C LEU A 14 -28.83 -21.79 -4.76
N ASP A 15 -28.80 -22.90 -4.04
CA ASP A 15 -27.60 -23.73 -4.03
C ASP A 15 -27.36 -24.36 -5.40
N SER A 16 -28.42 -24.69 -6.14
CA SER A 16 -28.21 -25.19 -7.49
C SER A 16 -27.51 -24.15 -8.34
N ILE A 17 -27.89 -22.88 -8.21
CA ILE A 17 -27.29 -21.82 -9.01
C ILE A 17 -25.85 -21.56 -8.58
N ILE A 18 -25.61 -21.47 -7.27
CA ILE A 18 -24.25 -21.21 -6.78
C ILE A 18 -23.33 -22.36 -7.14
N GLY A 19 -23.85 -23.59 -7.08
CA GLY A 19 -23.05 -24.74 -7.48
C GLY A 19 -22.61 -24.67 -8.92
N ARG A 20 -23.57 -24.49 -9.84
CA ARG A 20 -23.23 -24.40 -11.25
C ARG A 20 -22.35 -23.21 -11.55
N LEU A 21 -22.42 -22.16 -10.72
CA LEU A 21 -21.54 -21.01 -10.94
C LEU A 21 -20.14 -21.28 -10.44
N LEU A 22 -20.02 -22.02 -9.34
CA LEU A 22 -18.72 -22.37 -8.78
C LEU A 22 -18.07 -23.55 -9.49
N GLU A 23 -18.83 -24.28 -10.30
CA GLU A 23 -18.29 -25.47 -10.94
C GLU A 23 -17.20 -25.15 -11.95
N VAL A 24 -17.22 -23.96 -12.54
CA VAL A 24 -16.16 -23.58 -13.47
C VAL A 24 -14.91 -23.10 -12.78
N GLN A 25 -14.86 -23.11 -11.45
CA GLN A 25 -13.66 -22.64 -10.78
C GLN A 25 -12.48 -23.54 -11.10
N GLY A 26 -11.33 -22.91 -11.30
CA GLY A 26 -10.12 -23.58 -11.67
C GLY A 26 -10.03 -23.93 -13.14
N SER A 27 -11.15 -23.90 -13.86
CA SER A 27 -11.11 -24.18 -15.28
C SER A 27 -10.28 -23.12 -16.00
N ARG A 28 -9.91 -23.42 -17.22
CA ARG A 28 -9.15 -22.45 -18.00
C ARG A 28 -10.12 -21.35 -18.40
N PRO A 29 -9.87 -20.11 -17.99
CA PRO A 29 -10.90 -19.05 -18.10
C PRO A 29 -11.56 -18.98 -19.46
N GLY A 30 -12.85 -18.70 -19.46
CA GLY A 30 -13.60 -18.57 -20.69
C GLY A 30 -14.91 -19.32 -20.64
N LYS A 31 -15.04 -20.21 -19.66
CA LYS A 31 -16.27 -20.95 -19.49
C LYS A 31 -17.31 -20.06 -18.81
N ASN A 32 -18.54 -20.12 -19.31
CA ASN A 32 -19.54 -19.15 -18.93
C ASN A 32 -20.59 -19.62 -17.95
N VAL A 33 -20.99 -20.88 -17.95
CA VAL A 33 -22.17 -21.33 -17.21
C VAL A 33 -23.40 -20.62 -17.79
N GLN A 34 -24.31 -21.39 -18.35
CA GLN A 34 -25.53 -20.81 -18.91
C GLN A 34 -26.68 -21.09 -17.94
N LEU A 35 -27.09 -20.08 -17.19
CA LEU A 35 -28.27 -20.22 -16.35
C LEU A 35 -29.51 -19.91 -17.19
N THR A 36 -30.66 -20.33 -16.67
CA THR A 36 -31.91 -20.05 -17.36
C THR A 36 -32.34 -18.61 -17.11
N GLU A 37 -33.20 -18.09 -18.00
CA GLU A 37 -33.64 -16.70 -17.90
C GLU A 37 -34.33 -16.44 -16.58
N ASN A 38 -35.23 -17.36 -16.17
CA ASN A 38 -35.93 -17.19 -14.90
C ASN A 38 -34.97 -17.25 -13.72
N GLU A 39 -33.91 -18.04 -13.83
CA GLU A 39 -32.96 -18.08 -12.73
C GLU A 39 -32.30 -16.73 -12.54
N ILE A 40 -31.87 -16.12 -13.64
CA ILE A 40 -31.26 -14.79 -13.57
C ILE A 40 -32.30 -13.75 -13.15
N ARG A 41 -33.50 -13.84 -13.72
CA ARG A 41 -34.54 -12.86 -13.40
C ARG A 41 -34.95 -12.97 -11.93
N GLY A 42 -35.15 -14.19 -11.44
CA GLY A 42 -35.48 -14.37 -10.04
C GLY A 42 -34.41 -13.82 -9.13
N LEU A 43 -33.13 -14.03 -9.49
CA LEU A 43 -32.04 -13.46 -8.71
C LEU A 43 -32.16 -11.95 -8.62
N CYS A 44 -32.52 -11.30 -9.74
CA CYS A 44 -32.72 -9.86 -9.73
C CYS A 44 -33.89 -9.45 -8.84
N LEU A 45 -35.04 -10.12 -9.01
CA LEU A 45 -36.22 -9.73 -8.24
C LEU A 45 -36.03 -9.94 -6.74
N LYS A 46 -35.52 -11.11 -6.35
CA LYS A 46 -35.37 -11.43 -4.93
C LYS A 46 -34.37 -10.49 -4.27
N SER A 47 -33.23 -10.24 -4.90
CA SER A 47 -32.22 -9.38 -4.28
C SER A 47 -32.73 -7.95 -4.20
N ARG A 48 -33.47 -7.51 -5.20
CA ARG A 48 -34.03 -6.16 -5.17
C ARG A 48 -34.94 -5.98 -3.97
N GLU A 49 -35.74 -7.01 -3.64
CA GLU A 49 -36.59 -6.91 -2.47
C GLU A 49 -35.76 -6.79 -1.19
N ILE A 50 -34.62 -7.48 -1.13
CA ILE A 50 -33.77 -7.39 0.05
C ILE A 50 -33.11 -6.02 0.12
N PHE A 51 -32.69 -5.47 -1.02
CA PHE A 51 -32.10 -4.13 -1.01
C PHE A 51 -33.09 -3.13 -0.43
N LEU A 52 -34.35 -3.20 -0.85
CA LEU A 52 -35.34 -2.26 -0.36
C LEU A 52 -35.65 -2.44 1.11
N SER A 53 -35.42 -3.64 1.66
CA SER A 53 -35.70 -3.90 3.06
C SER A 53 -34.54 -3.52 3.98
N GLN A 54 -33.42 -3.05 3.43
CA GLN A 54 -32.32 -2.54 4.21
C GLN A 54 -32.11 -1.06 3.89
N PRO A 55 -31.55 -0.29 4.82
CA PRO A 55 -31.37 1.16 4.58
C PRO A 55 -30.51 1.43 3.35
N ILE A 56 -30.66 2.63 2.80
CA ILE A 56 -29.82 3.06 1.68
C ILE A 56 -28.45 3.50 2.16
N LEU A 57 -28.32 3.84 3.45
CA LEU A 57 -27.04 4.11 4.10
C LEU A 57 -26.84 2.97 5.09
N LEU A 58 -26.06 1.97 4.67
CA LEU A 58 -25.83 0.80 5.51
C LEU A 58 -24.96 1.17 6.70
N GLU A 59 -25.28 0.60 7.86
CA GLU A 59 -24.49 0.76 9.08
C GLU A 59 -24.03 -0.63 9.49
N LEU A 60 -22.78 -0.96 9.15
CA LEU A 60 -22.24 -2.30 9.32
C LEU A 60 -21.25 -2.32 10.48
N GLU A 61 -21.07 -3.50 11.05
CA GLU A 61 -20.10 -3.70 12.12
C GLU A 61 -19.05 -4.72 11.69
N ALA A 62 -17.83 -4.51 12.16
CA ALA A 62 -16.77 -5.44 11.87
C ALA A 62 -17.02 -6.76 12.60
N PRO A 63 -16.43 -7.87 12.11
CA PRO A 63 -15.50 -7.97 10.98
C PRO A 63 -16.17 -8.06 9.62
N LEU A 64 -15.51 -7.48 8.62
CA LEU A 64 -15.95 -7.65 7.24
C LEU A 64 -14.78 -7.33 6.32
N LYS A 65 -14.90 -7.79 5.07
CA LYS A 65 -13.88 -7.59 4.05
C LYS A 65 -14.43 -6.69 2.96
N ILE A 66 -13.73 -5.58 2.69
CA ILE A 66 -14.20 -4.55 1.76
C ILE A 66 -13.40 -4.67 0.46
N CYS A 67 -14.11 -4.68 -0.66
CA CYS A 67 -13.50 -4.88 -1.98
C CYS A 67 -13.87 -3.74 -2.92
N GLY A 68 -12.97 -3.46 -3.86
CA GLY A 68 -13.20 -2.48 -4.89
C GLY A 68 -13.72 -3.13 -6.16
N ASP A 69 -13.58 -2.41 -7.27
CA ASP A 69 -14.25 -2.77 -8.52
C ASP A 69 -13.92 -4.20 -8.93
N ILE A 70 -14.89 -4.83 -9.60
CA ILE A 70 -14.71 -6.14 -10.18
C ILE A 70 -14.69 -6.11 -11.70
N HIS A 71 -15.49 -5.22 -12.32
CA HIS A 71 -15.47 -5.01 -13.78
C HIS A 71 -15.72 -6.31 -14.54
N GLY A 72 -16.64 -7.13 -14.05
CA GLY A 72 -17.04 -8.34 -14.75
C GLY A 72 -15.99 -9.43 -14.82
N GLN A 73 -14.82 -9.25 -14.20
CA GLN A 73 -13.77 -10.26 -14.27
C GLN A 73 -14.11 -11.37 -13.31
N TYR A 74 -14.90 -12.33 -13.81
CA TYR A 74 -15.53 -13.33 -12.94
C TYR A 74 -14.51 -14.22 -12.26
N TYR A 75 -13.45 -14.62 -12.97
CA TYR A 75 -12.46 -15.51 -12.36
C TYR A 75 -11.58 -14.79 -11.35
N ASP A 76 -11.43 -13.47 -11.49
CA ASP A 76 -10.74 -12.70 -10.47
C ASP A 76 -11.61 -12.50 -9.25
N LEU A 77 -12.92 -12.47 -9.42
CA LEU A 77 -13.80 -12.50 -8.26
C LEU A 77 -13.68 -13.81 -7.51
N LEU A 78 -13.61 -14.93 -8.25
CA LEU A 78 -13.40 -16.23 -7.63
C LEU A 78 -12.11 -16.26 -6.82
N ARG A 79 -11.04 -15.66 -7.36
CA ARG A 79 -9.77 -15.65 -6.64
C ARG A 79 -9.87 -14.81 -5.37
N LEU A 80 -10.62 -13.71 -5.40
CA LEU A 80 -10.85 -12.93 -4.19
C LEU A 80 -11.48 -13.78 -3.10
N PHE A 81 -12.48 -14.58 -3.47
CA PHE A 81 -13.14 -15.42 -2.48
C PHE A 81 -12.22 -16.49 -1.94
N GLU A 82 -11.22 -16.93 -2.73
CA GLU A 82 -10.28 -17.92 -2.20
C GLU A 82 -9.39 -17.29 -1.14
N TYR A 83 -8.95 -16.05 -1.36
CA TYR A 83 -8.11 -15.38 -0.38
C TYR A 83 -8.91 -15.04 0.87
N GLY A 84 -10.06 -14.36 0.71
CA GLY A 84 -10.84 -13.92 1.85
C GLY A 84 -11.71 -14.99 2.46
N GLY A 85 -11.96 -16.08 1.75
CA GLY A 85 -12.88 -17.09 2.24
C GLY A 85 -14.25 -16.95 1.59
N PHE A 86 -14.80 -18.03 1.05
CA PHE A 86 -16.11 -17.95 0.45
C PHE A 86 -17.17 -17.75 1.53
N PRO A 87 -18.21 -16.96 1.26
CA PRO A 87 -19.31 -16.84 2.22
C PRO A 87 -19.88 -18.20 2.56
N PRO A 88 -20.23 -18.45 3.83
CA PRO A 88 -20.33 -17.46 4.90
C PRO A 88 -19.09 -17.35 5.76
N GLU A 89 -17.96 -17.85 5.26
CA GLU A 89 -16.74 -17.89 6.08
C GLU A 89 -16.23 -16.50 6.40
N SER A 90 -16.56 -15.50 5.59
CA SER A 90 -16.20 -14.12 5.87
C SER A 90 -17.35 -13.21 5.47
N ASN A 91 -17.34 -11.99 6.01
CA ASN A 91 -18.32 -10.97 5.68
C ASN A 91 -17.75 -10.02 4.64
N TYR A 92 -18.57 -9.65 3.67
CA TYR A 92 -18.12 -8.88 2.53
C TYR A 92 -18.96 -7.62 2.36
N LEU A 93 -18.27 -6.55 1.99
CA LEU A 93 -18.90 -5.31 1.52
C LEU A 93 -18.19 -4.93 0.22
N PHE A 94 -18.90 -5.06 -0.90
CA PHE A 94 -18.35 -4.62 -2.19
C PHE A 94 -18.76 -3.17 -2.45
N LEU A 95 -17.89 -2.43 -3.13
CA LEU A 95 -18.10 -1.01 -3.32
C LEU A 95 -18.58 -0.63 -4.72
N GLY A 96 -18.92 -1.60 -5.55
CA GLY A 96 -19.61 -1.31 -6.81
C GLY A 96 -18.78 -1.66 -8.02
N ASP A 97 -19.38 -1.38 -9.18
CA ASP A 97 -18.82 -1.69 -10.51
C ASP A 97 -18.54 -3.19 -10.63
N TYR A 98 -19.63 -3.94 -10.69
CA TYR A 98 -19.57 -5.38 -10.85
C TYR A 98 -19.61 -5.84 -12.30
N VAL A 99 -20.17 -5.03 -13.20
CA VAL A 99 -20.36 -5.38 -14.60
C VAL A 99 -19.59 -4.42 -15.49
N ASP A 100 -19.24 -4.91 -16.68
CA ASP A 100 -18.46 -4.14 -17.64
C ASP A 100 -18.37 -4.90 -18.95
N ARG A 101 -17.39 -4.52 -19.76
CA ARG A 101 -17.02 -5.28 -20.94
C ARG A 101 -16.47 -6.65 -20.52
N GLY A 102 -16.25 -7.50 -21.51
CA GLY A 102 -15.94 -8.89 -21.22
C GLY A 102 -17.24 -9.66 -21.22
N LYS A 103 -17.24 -10.90 -21.67
CA LYS A 103 -18.50 -11.64 -21.75
C LYS A 103 -18.68 -12.57 -20.56
N GLN A 104 -18.38 -12.08 -19.35
CA GLN A 104 -18.64 -12.85 -18.14
C GLN A 104 -19.16 -11.96 -17.02
N SER A 105 -19.83 -10.85 -17.35
CA SER A 105 -20.42 -10.01 -16.30
C SER A 105 -21.66 -10.65 -15.69
N LEU A 106 -22.39 -11.48 -16.45
CA LEU A 106 -23.58 -12.12 -15.91
C LEU A 106 -23.23 -13.06 -14.76
N GLU A 107 -22.17 -13.86 -14.94
CA GLU A 107 -21.73 -14.76 -13.88
C GLU A 107 -21.32 -14.00 -12.65
N THR A 108 -20.61 -12.88 -12.85
CA THR A 108 -20.15 -12.06 -11.75
C THR A 108 -21.32 -11.54 -10.93
N ILE A 109 -22.29 -10.89 -11.59
CA ILE A 109 -23.39 -10.29 -10.85
C ILE A 109 -24.30 -11.37 -10.26
N CYS A 110 -24.51 -12.49 -10.98
CA CYS A 110 -25.39 -13.53 -10.45
C CYS A 110 -24.80 -14.16 -9.19
N LEU A 111 -23.49 -14.37 -9.15
CA LEU A 111 -22.87 -14.93 -7.95
C LEU A 111 -22.94 -13.95 -6.79
N LEU A 112 -22.75 -12.66 -7.05
CA LEU A 112 -22.85 -11.67 -5.98
C LEU A 112 -24.28 -11.51 -5.49
N LEU A 113 -25.25 -11.51 -6.41
CA LEU A 113 -26.64 -11.41 -6.00
C LEU A 113 -27.09 -12.64 -5.22
N ALA A 114 -26.62 -13.82 -5.64
CA ALA A 114 -27.00 -15.06 -4.97
C ALA A 114 -26.49 -15.09 -3.53
N TYR A 115 -25.23 -14.72 -3.32
CA TYR A 115 -24.72 -14.65 -1.97
C TYR A 115 -25.46 -13.59 -1.16
N LYS A 116 -25.87 -12.49 -1.80
CA LYS A 116 -26.64 -11.47 -1.10
C LYS A 116 -27.94 -12.03 -0.58
N ILE A 117 -28.62 -12.85 -1.39
CA ILE A 117 -29.87 -13.46 -0.97
C ILE A 117 -29.63 -14.52 0.10
N LYS A 118 -28.57 -15.30 -0.04
CA LYS A 118 -28.32 -16.40 0.87
C LYS A 118 -27.83 -15.90 2.23
N TYR A 119 -27.06 -14.82 2.26
CA TYR A 119 -26.52 -14.25 3.51
C TYR A 119 -26.80 -12.76 3.56
N PRO A 120 -28.07 -12.36 3.73
CA PRO A 120 -28.46 -10.95 3.57
C PRO A 120 -27.96 -10.01 4.66
N GLU A 121 -27.51 -10.50 5.82
CA GLU A 121 -26.94 -9.60 6.82
C GLU A 121 -25.47 -9.86 7.05
N ASN A 122 -24.83 -10.60 6.15
CA ASN A 122 -23.39 -10.83 6.18
C ASN A 122 -22.75 -10.61 4.82
N PHE A 123 -23.51 -10.14 3.84
CA PHE A 123 -23.02 -9.91 2.48
C PHE A 123 -23.66 -8.63 1.98
N PHE A 124 -22.86 -7.72 1.44
CA PHE A 124 -23.38 -6.40 1.10
C PHE A 124 -22.76 -5.89 -0.19
N LEU A 125 -23.57 -5.17 -0.97
CA LEU A 125 -23.18 -4.62 -2.26
C LEU A 125 -23.59 -3.15 -2.30
N LEU A 126 -22.63 -2.27 -2.51
CA LEU A 126 -22.96 -0.87 -2.78
C LEU A 126 -23.12 -0.65 -4.28
N ARG A 127 -23.63 0.52 -4.64
CA ARG A 127 -23.88 0.84 -6.04
C ARG A 127 -22.66 1.58 -6.61
N GLY A 128 -22.19 1.12 -7.78
CA GLY A 128 -21.21 1.84 -8.55
C GLY A 128 -21.85 2.50 -9.76
N ASN A 129 -21.06 3.39 -10.39
CA ASN A 129 -21.57 4.10 -11.56
C ASN A 129 -21.78 3.17 -12.75
N HIS A 130 -21.23 1.96 -12.73
CA HIS A 130 -21.54 0.99 -13.77
C HIS A 130 -22.89 0.33 -13.57
N GLU A 131 -23.51 0.54 -12.41
CA GLU A 131 -24.82 -0.02 -12.11
C GLU A 131 -25.92 1.02 -12.32
N CYS A 132 -25.82 1.72 -13.45
CA CYS A 132 -26.79 2.73 -13.82
C CYS A 132 -27.89 2.10 -14.67
N ALA A 133 -28.91 2.91 -14.97
CA ALA A 133 -30.09 2.45 -15.68
C ALA A 133 -30.15 2.90 -17.15
N SER A 134 -29.02 3.30 -17.74
CA SER A 134 -28.98 3.70 -19.14
C SER A 134 -27.72 3.17 -19.80
N ILE A 135 -27.62 3.38 -21.11
CA ILE A 135 -26.37 3.17 -21.82
C ILE A 135 -25.84 4.51 -22.32
N ASN A 136 -25.98 5.55 -21.51
CA ASN A 136 -25.41 6.83 -21.85
C ASN A 136 -23.88 6.79 -21.84
N ARG A 137 -23.29 5.99 -20.93
CA ARG A 137 -21.83 5.90 -20.80
C ARG A 137 -21.29 4.48 -20.70
N ILE A 138 -22.11 3.46 -20.54
CA ILE A 138 -21.67 2.07 -20.39
C ILE A 138 -22.45 1.23 -21.39
N TYR A 139 -21.75 0.39 -22.15
CA TYR A 139 -22.40 -0.46 -23.13
C TYR A 139 -22.13 -1.95 -22.94
N GLY A 140 -21.06 -2.32 -22.25
CA GLY A 140 -20.66 -3.72 -22.19
C GLY A 140 -21.71 -4.62 -21.57
N PHE A 141 -22.24 -4.23 -20.41
CA PHE A 141 -23.18 -5.12 -19.73
C PHE A 141 -24.47 -5.25 -20.50
N TYR A 142 -24.98 -4.14 -21.05
CA TYR A 142 -26.14 -4.19 -21.94
C TYR A 142 -25.84 -5.09 -23.14
N ASP A 143 -24.64 -4.95 -23.72
CA ASP A 143 -24.28 -5.78 -24.87
C ASP A 143 -24.29 -7.26 -24.51
N GLU A 144 -23.71 -7.60 -23.36
CA GLU A 144 -23.67 -9.01 -22.98
C GLU A 144 -25.07 -9.56 -22.76
N CYS A 145 -25.96 -8.78 -22.14
CA CYS A 145 -27.29 -9.28 -21.82
C CYS A 145 -28.06 -9.64 -23.07
N LYS A 146 -28.08 -8.75 -24.07
CA LYS A 146 -28.85 -9.01 -25.28
C LYS A 146 -28.22 -10.11 -26.13
N ARG A 147 -26.90 -10.30 -26.05
CA ARG A 147 -26.26 -11.32 -26.86
C ARG A 147 -26.52 -12.72 -26.31
N ARG A 148 -26.55 -12.85 -24.99
CA ARG A 148 -26.81 -14.14 -24.35
C ARG A 148 -28.28 -14.36 -24.05
N TYR A 149 -29.08 -13.30 -23.94
CA TYR A 149 -30.49 -13.46 -23.59
C TYR A 149 -31.36 -12.48 -24.38
N ASN A 150 -31.79 -11.40 -23.74
CA ASN A 150 -32.57 -10.38 -24.43
C ASN A 150 -32.41 -9.04 -23.71
N ILE A 151 -32.89 -7.98 -24.35
CA ILE A 151 -32.78 -6.64 -23.79
C ILE A 151 -33.59 -6.52 -22.51
N LYS A 152 -34.73 -7.20 -22.43
CA LYS A 152 -35.55 -7.11 -21.22
C LYS A 152 -34.77 -7.56 -20.00
N LEU A 153 -33.90 -8.56 -20.17
CA LEU A 153 -33.06 -8.98 -19.05
C LEU A 153 -32.23 -7.83 -18.53
N TRP A 154 -31.66 -7.03 -19.43
CA TRP A 154 -30.95 -5.83 -18.99
C TRP A 154 -31.91 -4.86 -18.30
N LYS A 155 -33.12 -4.70 -18.83
CA LYS A 155 -34.10 -3.83 -18.19
C LYS A 155 -34.39 -4.29 -16.76
N THR A 156 -34.62 -5.60 -16.58
CA THR A 156 -34.78 -6.15 -15.23
C THR A 156 -33.57 -5.90 -14.36
N PHE A 157 -32.37 -5.91 -14.94
CA PHE A 157 -31.18 -5.63 -14.14
C PHE A 157 -31.14 -4.19 -13.68
N THR A 158 -31.58 -3.25 -14.52
CA THR A 158 -31.63 -1.86 -14.07
C THR A 158 -32.62 -1.68 -12.94
N ASP A 159 -33.69 -2.47 -12.90
CA ASP A 159 -34.61 -2.43 -11.77
C ASP A 159 -33.90 -2.83 -10.48
N CYS A 160 -33.10 -3.90 -10.52
CA CYS A 160 -32.32 -4.28 -9.36
C CYS A 160 -31.29 -3.21 -9.02
N PHE A 161 -30.53 -2.76 -10.04
CA PHE A 161 -29.51 -1.74 -9.81
C PHE A 161 -30.09 -0.48 -9.19
N ASN A 162 -31.29 -0.09 -9.63
CA ASN A 162 -31.86 1.14 -9.12
C ASN A 162 -32.16 1.08 -7.62
N CYS A 163 -32.08 -0.09 -7.01
CA CYS A 163 -32.38 -0.21 -5.59
C CYS A 163 -31.17 -0.54 -4.72
N LEU A 164 -29.97 -0.61 -5.30
CA LEU A 164 -28.77 -0.84 -4.52
C LEU A 164 -28.55 0.31 -3.53
N PRO A 165 -27.96 0.02 -2.37
CA PRO A 165 -27.58 1.10 -1.46
C PRO A 165 -26.40 1.89 -2.01
N ILE A 166 -26.20 3.07 -1.41
CA ILE A 166 -25.33 4.09 -1.97
C ILE A 166 -24.05 4.26 -1.16
N ALA A 167 -24.13 4.12 0.16
CA ALA A 167 -22.96 4.29 1.00
C ALA A 167 -23.10 3.42 2.23
N ALA A 168 -21.99 3.27 2.96
CA ALA A 168 -21.98 2.49 4.18
C ALA A 168 -21.02 3.11 5.17
N ILE A 169 -21.37 2.98 6.46
CA ILE A 169 -20.53 3.45 7.56
C ILE A 169 -20.23 2.25 8.44
N VAL A 170 -18.96 1.91 8.55
CA VAL A 170 -18.55 0.73 9.31
C VAL A 170 -18.16 1.18 10.71
N ASP A 171 -18.89 0.67 11.70
CA ASP A 171 -18.61 0.90 13.12
C ASP A 171 -18.45 2.38 13.45
N GLU A 172 -19.26 3.21 12.80
CA GLU A 172 -19.35 4.65 13.08
C GLU A 172 -18.05 5.39 12.80
N LYS A 173 -17.13 4.80 12.04
CA LYS A 173 -15.84 5.44 11.79
C LYS A 173 -15.34 5.36 10.35
N ILE A 174 -15.83 4.45 9.52
CA ILE A 174 -15.31 4.28 8.16
C ILE A 174 -16.46 4.54 7.18
N PHE A 175 -16.37 5.62 6.44
CA PHE A 175 -17.36 5.94 5.42
C PHE A 175 -16.97 5.30 4.09
N CYS A 176 -17.92 4.58 3.47
CA CYS A 176 -17.65 3.82 2.26
C CYS A 176 -18.62 4.21 1.16
N CYS A 177 -18.07 4.47 -0.02
CA CYS A 177 -18.87 4.71 -1.21
C CYS A 177 -18.00 4.38 -2.42
N HIS A 178 -18.61 4.38 -3.59
CA HIS A 178 -17.87 4.00 -4.78
C HIS A 178 -16.98 5.15 -5.27
N GLY A 179 -17.56 6.32 -5.50
CA GLY A 179 -16.84 7.46 -6.02
C GLY A 179 -16.12 8.27 -4.97
N GLY A 180 -16.86 9.09 -4.24
CA GLY A 180 -16.23 9.92 -3.22
C GLY A 180 -17.20 10.91 -2.64
N LEU A 181 -16.65 12.02 -2.17
CA LEU A 181 -17.45 13.01 -1.45
C LEU A 181 -18.20 13.91 -2.43
N SER A 182 -19.14 14.69 -1.89
CA SER A 182 -19.95 15.60 -2.68
C SER A 182 -19.97 16.98 -2.05
N PRO A 183 -19.87 18.04 -2.85
CA PRO A 183 -20.06 19.39 -2.30
C PRO A 183 -21.48 19.61 -1.80
N ASP A 184 -22.43 18.78 -2.19
CA ASP A 184 -23.79 18.90 -1.69
C ASP A 184 -24.01 18.11 -0.40
N LEU A 185 -23.02 17.33 0.03
CA LEU A 185 -23.16 16.44 1.19
C LEU A 185 -22.85 17.23 2.46
N GLN A 186 -23.88 17.51 3.25
CA GLN A 186 -23.71 18.18 4.53
C GLN A 186 -23.97 17.26 5.71
N SER A 187 -24.92 16.35 5.59
CA SER A 187 -25.30 15.44 6.67
C SER A 187 -25.56 14.05 6.13
N MET A 188 -25.36 13.05 6.98
CA MET A 188 -25.71 11.68 6.61
C MET A 188 -27.20 11.55 6.30
N GLU A 189 -28.02 12.42 6.89
CA GLU A 189 -29.46 12.35 6.64
C GLU A 189 -29.77 12.56 5.16
N GLN A 190 -29.02 13.42 4.47
CA GLN A 190 -29.30 13.63 3.05
C GLN A 190 -29.15 12.35 2.25
N ILE A 191 -28.20 11.49 2.62
CA ILE A 191 -28.09 10.22 1.93
C ILE A 191 -29.31 9.37 2.23
N ARG A 192 -29.77 9.37 3.48
CA ARG A 192 -30.97 8.62 3.86
C ARG A 192 -32.21 9.13 3.16
N ARG A 193 -32.21 10.40 2.75
CA ARG A 193 -33.34 10.99 2.05
C ARG A 193 -33.41 10.57 0.58
N ILE A 194 -32.36 9.96 0.05
CA ILE A 194 -32.38 9.52 -1.34
C ILE A 194 -33.36 8.35 -1.48
N MET A 195 -34.23 8.45 -2.48
CA MET A 195 -35.34 7.52 -2.59
C MET A 195 -35.11 6.55 -3.75
N ARG A 196 -35.62 5.33 -3.57
CA ARG A 196 -35.45 4.24 -4.51
C ARG A 196 -36.81 3.72 -4.94
N PRO A 197 -36.91 3.20 -6.18
CA PRO A 197 -35.82 3.15 -7.16
C PRO A 197 -35.47 4.51 -7.77
N THR A 198 -34.20 4.66 -8.15
CA THR A 198 -33.72 5.87 -8.80
C THR A 198 -32.56 5.48 -9.71
N ASP A 199 -32.40 6.23 -10.80
CA ASP A 199 -31.19 6.09 -11.59
C ASP A 199 -30.14 7.06 -11.06
N VAL A 200 -28.93 6.93 -11.58
CA VAL A 200 -27.84 7.81 -11.22
C VAL A 200 -28.00 9.07 -12.08
N PRO A 201 -28.20 10.23 -11.47
CA PRO A 201 -28.24 11.46 -12.25
C PRO A 201 -26.85 11.83 -12.74
N ASP A 202 -26.79 12.85 -13.59
CA ASP A 202 -25.52 13.39 -14.03
C ASP A 202 -25.07 14.55 -13.16
N GLN A 203 -25.87 14.92 -12.16
CA GLN A 203 -25.57 16.04 -11.27
C GLN A 203 -26.16 15.73 -9.91
N GLY A 204 -25.47 16.14 -8.85
CA GLY A 204 -26.05 16.13 -7.52
C GLY A 204 -25.39 15.13 -6.59
N LEU A 205 -25.96 15.06 -5.39
CA LEU A 205 -25.38 14.25 -4.31
C LEU A 205 -25.16 12.81 -4.76
N LEU A 206 -26.21 12.16 -5.27
CA LEU A 206 -26.08 10.76 -5.66
C LEU A 206 -25.06 10.59 -6.78
N CYS A 207 -24.97 11.56 -7.69
CA CYS A 207 -24.00 11.48 -8.77
C CYS A 207 -22.58 11.53 -8.24
N ASP A 208 -22.30 12.45 -7.32
CA ASP A 208 -20.95 12.60 -6.83
C ASP A 208 -20.53 11.39 -5.99
N LEU A 209 -21.46 10.81 -5.24
CA LEU A 209 -21.16 9.62 -4.45
C LEU A 209 -20.71 8.44 -5.31
N LEU A 210 -21.01 8.45 -6.59
CA LEU A 210 -20.64 7.35 -7.48
C LEU A 210 -19.57 7.74 -8.49
N TRP A 211 -19.16 9.01 -8.54
CA TRP A 211 -18.34 9.47 -9.66
C TRP A 211 -17.11 10.27 -9.28
N SER A 212 -17.15 11.00 -8.16
CA SER A 212 -16.08 11.94 -7.81
C SER A 212 -14.76 11.20 -7.50
N ASP A 213 -13.67 11.95 -7.62
CA ASP A 213 -12.31 11.46 -7.38
C ASP A 213 -11.54 12.40 -6.46
N PRO A 214 -10.49 11.90 -5.81
CA PRO A 214 -9.53 12.78 -5.17
C PRO A 214 -8.44 13.24 -6.14
N ASP A 215 -7.77 14.32 -5.78
CA ASP A 215 -6.70 14.86 -6.59
C ASP A 215 -5.68 15.54 -5.69
N LYS A 216 -4.40 15.23 -5.91
CA LYS A 216 -3.32 15.90 -5.17
C LYS A 216 -3.29 17.40 -5.47
N ASP A 217 -3.57 17.78 -6.72
CA ASP A 217 -3.42 19.17 -7.13
C ASP A 217 -4.51 20.06 -6.53
N VAL A 218 -5.76 19.58 -6.52
CA VAL A 218 -6.88 20.39 -6.08
C VAL A 218 -6.79 20.64 -4.59
N GLN A 219 -7.06 21.88 -4.18
CA GLN A 219 -7.07 22.21 -2.76
C GLN A 219 -8.46 22.04 -2.16
N GLY A 220 -9.49 22.49 -2.89
CA GLY A 220 -10.86 22.29 -2.47
C GLY A 220 -11.62 21.42 -3.46
N TRP A 221 -12.54 22.01 -4.20
CA TRP A 221 -13.27 21.30 -5.24
C TRP A 221 -12.77 21.76 -6.61
N GLY A 222 -12.55 20.79 -7.50
CA GLY A 222 -12.16 21.07 -8.86
C GLY A 222 -13.02 20.30 -9.84
N GLU A 223 -12.73 20.49 -11.13
CA GLU A 223 -13.48 19.79 -12.16
C GLU A 223 -12.81 18.46 -12.50
N ASN A 224 -13.62 17.53 -12.98
CA ASN A 224 -13.21 16.17 -13.22
C ASN A 224 -12.96 15.98 -14.72
N ASP A 225 -11.81 15.39 -15.05
CA ASP A 225 -11.50 15.12 -16.44
C ASP A 225 -12.41 14.06 -17.04
N ARG A 226 -13.22 13.38 -16.21
CA ARG A 226 -14.18 12.41 -16.71
C ARG A 226 -15.35 13.07 -17.43
N GLY A 227 -15.59 14.35 -17.19
CA GLY A 227 -16.76 15.01 -17.74
C GLY A 227 -17.98 14.98 -16.85
N VAL A 228 -17.87 14.44 -15.64
CA VAL A 228 -18.96 14.33 -14.69
C VAL A 228 -18.42 14.61 -13.30
N SER A 229 -19.26 15.17 -12.44
CA SER A 229 -18.97 15.31 -11.01
C SER A 229 -17.76 16.22 -10.82
N PHE A 230 -17.00 16.03 -9.75
CA PHE A 230 -15.92 16.91 -9.36
C PHE A 230 -14.69 16.11 -8.95
N THR A 231 -13.67 16.86 -8.50
CA THR A 231 -12.51 16.33 -7.79
C THR A 231 -12.39 17.10 -6.49
N PHE A 232 -12.01 16.40 -5.43
CA PHE A 232 -11.78 17.01 -4.13
C PHE A 232 -10.33 16.77 -3.72
N GLY A 233 -9.82 17.64 -2.85
CA GLY A 233 -8.46 17.54 -2.39
C GLY A 233 -8.36 17.05 -0.95
N ALA A 234 -7.14 17.13 -0.42
CA ALA A 234 -6.86 16.62 0.93
C ALA A 234 -7.62 17.40 2.01
N GLU A 235 -7.75 18.72 1.85
CA GLU A 235 -8.44 19.53 2.85
C GLU A 235 -9.91 19.15 2.95
N VAL A 236 -10.58 19.01 1.79
CA VAL A 236 -11.95 18.49 1.76
C VAL A 236 -12.07 17.22 2.60
N VAL A 237 -11.16 16.26 2.38
CA VAL A 237 -11.20 15.03 3.16
C VAL A 237 -11.11 15.32 4.65
N ALA A 238 -10.21 16.21 5.05
CA ALA A 238 -9.94 16.39 6.47
C ALA A 238 -11.12 17.03 7.19
N LYS A 239 -11.73 18.06 6.59
CA LYS A 239 -12.88 18.68 7.24
C LYS A 239 -14.03 17.68 7.35
N PHE A 240 -14.18 16.82 6.35
CA PHE A 240 -15.27 15.86 6.34
C PHE A 240 -15.16 14.87 7.49
N LEU A 241 -13.96 14.36 7.75
CA LEU A 241 -13.82 13.42 8.85
C LEU A 241 -14.04 14.08 10.19
N HIS A 242 -13.65 15.36 10.32
CA HIS A 242 -13.84 16.05 11.59
C HIS A 242 -15.29 16.40 11.82
N LYS A 243 -16.02 16.82 10.77
CA LYS A 243 -17.41 17.19 10.95
C LYS A 243 -18.27 16.01 11.37
N HIS A 244 -17.96 14.81 10.88
CA HIS A 244 -18.78 13.63 11.12
C HIS A 244 -18.11 12.64 12.08
N ASP A 245 -17.00 13.02 12.70
CA ASP A 245 -16.30 12.18 13.66
C ASP A 245 -16.00 10.81 13.07
N LEU A 246 -15.28 10.82 11.94
CA LEU A 246 -14.86 9.60 11.27
C LEU A 246 -13.34 9.53 11.22
N ASP A 247 -12.85 8.33 10.91
CA ASP A 247 -11.41 8.05 10.86
C ASP A 247 -10.89 7.84 9.46
N LEU A 248 -11.74 7.45 8.52
CA LEU A 248 -11.26 7.02 7.21
C LEU A 248 -12.38 7.06 6.20
N ILE A 249 -12.05 7.43 4.97
CA ILE A 249 -12.93 7.23 3.82
C ILE A 249 -12.37 6.09 3.00
N CYS A 250 -13.20 5.09 2.74
CA CYS A 250 -12.82 3.90 1.99
C CYS A 250 -13.63 3.90 0.69
N ARG A 251 -12.93 3.96 -0.44
CA ARG A 251 -13.57 4.24 -1.72
C ARG A 251 -12.93 3.37 -2.81
N ALA A 252 -13.56 3.33 -3.98
CA ALA A 252 -13.00 2.59 -5.11
C ALA A 252 -12.88 3.48 -6.34
N HIS A 253 -13.34 2.98 -7.49
CA HIS A 253 -13.63 3.77 -8.70
C HIS A 253 -12.44 4.09 -9.58
N GLN A 254 -11.21 4.08 -9.05
CA GLN A 254 -10.02 4.38 -9.84
C GLN A 254 -9.02 3.25 -9.79
N VAL A 255 -8.43 2.95 -10.95
CA VAL A 255 -7.35 1.95 -11.00
C VAL A 255 -6.13 2.51 -10.29
N VAL A 256 -5.57 1.71 -9.39
CA VAL A 256 -4.32 2.06 -8.71
C VAL A 256 -3.36 0.89 -8.90
N GLU A 257 -2.07 1.21 -8.88
CA GLU A 257 -1.03 0.23 -9.22
C GLU A 257 -1.12 -1.02 -8.34
N ASP A 258 -1.04 -0.84 -7.02
CA ASP A 258 -0.96 -1.97 -6.10
C ASP A 258 -2.32 -2.41 -5.58
N GLY A 259 -3.42 -2.02 -6.24
CA GLY A 259 -4.74 -2.36 -5.78
C GLY A 259 -5.26 -1.50 -4.66
N TYR A 260 -4.38 -0.88 -3.88
CA TYR A 260 -4.74 0.03 -2.82
C TYR A 260 -3.88 1.28 -2.99
N GLU A 261 -4.38 2.41 -2.49
CA GLU A 261 -3.59 3.64 -2.54
C GLU A 261 -4.15 4.62 -1.53
N PHE A 262 -3.28 5.19 -0.71
CA PHE A 262 -3.73 6.14 0.29
C PHE A 262 -3.70 7.55 -0.28
N PHE A 263 -4.42 8.45 0.41
CA PHE A 263 -4.58 9.82 -0.03
C PHE A 263 -4.80 10.65 1.24
N ALA A 264 -4.25 11.86 1.23
CA ALA A 264 -4.40 12.80 2.34
C ALA A 264 -3.92 12.19 3.66
N LYS A 265 -2.66 11.74 3.65
CA LYS A 265 -2.03 11.18 4.85
C LYS A 265 -2.84 10.01 5.41
N ARG A 266 -3.22 9.10 4.52
CA ARG A 266 -3.92 7.87 4.87
C ARG A 266 -5.30 8.13 5.48
N GLN A 267 -5.90 9.29 5.19
CA GLN A 267 -7.26 9.56 5.65
C GLN A 267 -8.30 9.07 4.65
N LEU A 268 -7.89 8.81 3.42
CA LEU A 268 -8.70 8.15 2.42
C LEU A 268 -7.89 7.01 1.81
N VAL A 269 -8.58 5.96 1.40
CA VAL A 269 -7.94 4.85 0.69
C VAL A 269 -8.81 4.48 -0.51
N THR A 270 -8.16 4.21 -1.63
CA THR A 270 -8.83 3.73 -2.82
C THR A 270 -8.54 2.24 -2.97
N LEU A 271 -9.59 1.45 -3.16
CA LEU A 271 -9.47 0.02 -3.36
C LEU A 271 -9.90 -0.34 -4.76
N PHE A 272 -9.18 -1.28 -5.37
CA PHE A 272 -9.46 -1.73 -6.72
C PHE A 272 -9.18 -3.22 -6.75
N SER A 273 -10.18 -4.02 -7.07
CA SER A 273 -10.06 -5.46 -6.90
C SER A 273 -10.06 -6.23 -8.22
N ALA A 274 -9.76 -5.55 -9.34
CA ALA A 274 -9.69 -6.21 -10.64
C ALA A 274 -8.25 -6.18 -11.14
N PRO A 275 -7.49 -7.27 -10.99
CA PRO A 275 -6.10 -7.27 -11.46
C PRO A 275 -6.03 -7.19 -12.98
N ASN A 276 -5.03 -6.46 -13.47
CA ASN A 276 -4.82 -6.23 -14.90
C ASN A 276 -6.11 -5.81 -15.60
N TYR A 277 -6.64 -4.67 -15.16
CA TYR A 277 -7.84 -4.10 -15.75
C TYR A 277 -7.65 -3.83 -17.24
N CYS A 278 -8.61 -4.29 -18.05
CA CYS A 278 -8.55 -4.16 -19.51
C CYS A 278 -7.39 -4.98 -20.08
N GLY A 279 -6.16 -4.56 -19.79
CA GLY A 279 -5.00 -5.24 -20.31
C GLY A 279 -3.77 -4.38 -20.46
N GLU A 280 -3.93 -3.10 -20.80
CA GLU A 280 -2.75 -2.25 -20.90
C GLU A 280 -2.17 -1.93 -19.53
N PHE A 281 -2.98 -1.99 -18.47
CA PHE A 281 -2.42 -1.82 -17.15
C PHE A 281 -1.86 -3.15 -16.65
N ASP A 282 -1.03 -3.07 -15.60
CA ASP A 282 -0.53 -4.23 -14.90
C ASP A 282 -0.67 -3.93 -13.42
N ASN A 283 -1.90 -3.87 -12.96
CA ASN A 283 -2.20 -3.53 -11.58
C ASN A 283 -2.59 -4.79 -10.82
N ALA A 284 -2.47 -4.71 -9.52
CA ALA A 284 -2.94 -5.77 -8.65
C ALA A 284 -4.31 -5.42 -8.10
N GLY A 285 -4.95 -6.40 -7.48
CA GLY A 285 -6.19 -6.19 -6.78
C GLY A 285 -5.88 -6.23 -5.29
N ALA A 286 -6.56 -5.38 -4.54
CA ALA A 286 -6.41 -5.38 -3.10
C ALA A 286 -7.77 -5.59 -2.44
N MET A 287 -7.74 -5.68 -1.12
CA MET A 287 -8.93 -5.97 -0.34
C MET A 287 -8.62 -5.58 1.09
N MET A 288 -9.46 -4.74 1.68
CA MET A 288 -9.22 -4.28 3.04
C MET A 288 -10.08 -5.10 4.00
N SER A 289 -9.44 -5.69 5.00
CA SER A 289 -10.12 -6.48 6.00
C SER A 289 -10.13 -5.73 7.33
N VAL A 290 -11.32 -5.61 7.92
CA VAL A 290 -11.51 -4.94 9.21
C VAL A 290 -11.89 -5.99 10.24
N ASP A 291 -11.26 -5.96 11.42
CA ASP A 291 -11.56 -6.93 12.46
C ASP A 291 -12.31 -6.24 13.61
N GLU A 292 -12.64 -7.04 14.62
CA GLU A 292 -13.58 -6.61 15.66
C GLU A 292 -13.10 -5.36 16.37
N THR A 293 -11.78 -5.16 16.46
CA THR A 293 -11.22 -4.01 17.14
C THR A 293 -10.95 -2.84 16.21
N LEU A 294 -11.57 -2.84 15.03
CA LEU A 294 -11.48 -1.73 14.08
C LEU A 294 -10.05 -1.53 13.56
N MET A 295 -9.36 -2.64 13.30
CA MET A 295 -8.03 -2.59 12.71
C MET A 295 -8.11 -3.01 11.26
N CYS A 296 -7.37 -2.30 10.42
CA CYS A 296 -7.45 -2.46 8.97
C CYS A 296 -6.18 -3.15 8.46
N SER A 297 -6.38 -4.23 7.70
CA SER A 297 -5.29 -4.97 7.06
C SER A 297 -5.59 -5.13 5.58
N PHE A 298 -4.55 -5.05 4.75
CA PHE A 298 -4.70 -5.04 3.30
C PHE A 298 -4.09 -6.29 2.70
N GLN A 299 -4.90 -7.08 2.01
CA GLN A 299 -4.43 -8.25 1.28
C GLN A 299 -4.40 -7.93 -0.20
N ILE A 300 -3.35 -8.37 -0.89
CA ILE A 300 -3.14 -8.02 -2.29
C ILE A 300 -3.20 -9.27 -3.16
N LEU A 301 -3.94 -9.17 -4.25
CA LEU A 301 -4.12 -10.25 -5.22
C LEU A 301 -3.31 -9.97 -6.47
N LYS A 302 -2.77 -11.01 -7.08
CA LYS A 302 -1.97 -10.71 -8.23
C LYS A 302 -2.47 -11.47 -9.45
N PRO A 303 -2.15 -10.99 -10.67
CA PRO A 303 -2.53 -11.66 -11.92
C PRO A 303 -2.20 -13.15 -11.93
N LEU B 12 18.65 -13.80 37.46
CA LEU B 12 18.09 -12.84 36.51
C LEU B 12 16.60 -13.11 36.27
N ASN B 13 15.74 -12.33 36.94
CA ASN B 13 14.29 -12.50 36.88
C ASN B 13 13.76 -11.95 35.55
N LEU B 14 13.49 -12.85 34.61
CA LEU B 14 12.97 -12.44 33.31
C LEU B 14 11.62 -11.75 33.44
N ASP B 15 10.70 -12.36 34.20
CA ASP B 15 9.36 -11.81 34.31
C ASP B 15 9.36 -10.45 35.01
N SER B 16 10.23 -10.27 36.00
CA SER B 16 10.34 -8.97 36.66
C SER B 16 10.79 -7.88 35.71
N ILE B 17 11.71 -8.20 34.79
CA ILE B 17 12.22 -7.20 33.86
C ILE B 17 11.15 -6.81 32.85
N ILE B 18 10.45 -7.80 32.31
CA ILE B 18 9.38 -7.49 31.34
C ILE B 18 8.29 -6.68 32.02
N GLY B 19 8.00 -6.97 33.30
CA GLY B 19 7.01 -6.19 34.02
C GLY B 19 7.37 -4.73 34.14
N ARG B 20 8.57 -4.44 34.66
CA ARG B 20 8.99 -3.06 34.81
C ARG B 20 9.13 -2.35 33.47
N LEU B 21 9.39 -3.10 32.39
CA LEU B 21 9.49 -2.49 31.07
C LEU B 21 8.12 -2.19 30.48
N LEU B 22 7.13 -3.04 30.75
CA LEU B 22 5.78 -2.79 30.28
C LEU B 22 5.02 -1.81 31.18
N GLU B 23 5.49 -1.60 32.42
CA GLU B 23 4.77 -0.76 33.37
C GLU B 23 4.73 0.70 32.92
N VAL B 24 5.67 1.12 32.06
CA VAL B 24 5.68 2.49 31.54
C VAL B 24 4.73 2.68 30.38
N GLN B 25 3.98 1.63 30.00
CA GLN B 25 2.98 1.70 28.94
C GLN B 25 1.94 2.76 29.22
N GLY B 26 1.63 3.57 28.22
CA GLY B 26 0.59 4.55 28.37
C GLY B 26 0.96 5.77 29.17
N SER B 27 2.07 5.70 29.90
CA SER B 27 2.52 6.85 30.68
C SER B 27 2.83 8.02 29.75
N ARG B 28 2.94 9.19 30.35
CA ARG B 28 3.20 10.40 29.60
C ARG B 28 4.64 10.43 29.09
N PRO B 29 4.86 10.42 27.74
CA PRO B 29 6.17 10.19 27.14
C PRO B 29 7.29 9.45 27.89
N GLY B 30 8.47 9.50 27.27
CA GLY B 30 9.65 8.81 27.75
C GLY B 30 10.23 9.22 29.09
N LYS B 31 9.62 8.75 30.18
CA LYS B 31 10.18 8.96 31.51
C LYS B 31 11.31 7.98 31.79
N ASN B 32 11.44 6.94 30.96
CA ASN B 32 12.44 5.89 31.00
C ASN B 32 12.30 4.87 32.12
N VAL B 33 13.02 3.77 31.98
CA VAL B 33 13.01 2.63 32.90
C VAL B 33 14.46 2.34 33.23
N GLN B 34 14.81 2.40 34.51
CA GLN B 34 16.19 2.20 34.93
C GLN B 34 16.32 0.77 35.45
N LEU B 35 16.89 -0.09 34.61
CA LEU B 35 17.27 -1.44 35.02
C LEU B 35 18.68 -1.42 35.57
N THR B 36 19.04 -2.48 36.29
CA THR B 36 20.39 -2.57 36.82
C THR B 36 21.36 -2.98 35.72
N GLU B 37 22.64 -2.69 35.95
CA GLU B 37 23.67 -2.98 34.94
C GLU B 37 23.74 -4.48 34.65
N ASN B 38 23.73 -5.31 35.70
CA ASN B 38 23.80 -6.76 35.47
C ASN B 38 22.58 -7.28 34.74
N GLU B 39 21.41 -6.68 34.96
CA GLU B 39 20.21 -7.11 34.25
C GLU B 39 20.34 -6.90 32.75
N ILE B 40 20.83 -5.73 32.34
CA ILE B 40 21.03 -5.46 30.93
C ILE B 40 22.13 -6.35 30.36
N ARG B 41 23.24 -6.49 31.09
CA ARG B 41 24.31 -7.38 30.63
C ARG B 41 23.83 -8.82 30.57
N GLY B 42 23.08 -9.25 31.59
CA GLY B 42 22.52 -10.59 31.56
C GLY B 42 21.63 -10.82 30.34
N LEU B 43 20.82 -9.81 30.00
CA LEU B 43 19.99 -9.91 28.81
C LEU B 43 20.84 -10.05 27.56
N CYS B 44 21.94 -9.31 27.47
CA CYS B 44 22.81 -9.41 26.30
C CYS B 44 23.42 -10.80 26.21
N LEU B 45 23.99 -11.28 27.31
CA LEU B 45 24.66 -12.58 27.29
C LEU B 45 23.68 -13.71 27.04
N LYS B 46 22.55 -13.72 27.75
CA LYS B 46 21.60 -14.81 27.60
C LYS B 46 21.05 -14.89 26.18
N SER B 47 20.72 -13.73 25.60
CA SER B 47 20.19 -13.73 24.23
C SER B 47 21.26 -14.10 23.23
N ARG B 48 22.51 -13.65 23.47
CA ARG B 48 23.61 -13.97 22.57
C ARG B 48 23.78 -15.48 22.43
N GLU B 49 23.63 -16.21 23.53
CA GLU B 49 23.75 -17.65 23.49
C GLU B 49 22.65 -18.27 22.64
N ILE B 50 21.44 -17.72 22.72
CA ILE B 50 20.34 -18.28 21.94
C ILE B 50 20.55 -17.99 20.45
N PHE B 51 21.04 -16.80 20.11
CA PHE B 51 21.32 -16.50 18.71
C PHE B 51 22.32 -17.50 18.13
N LEU B 52 23.39 -17.80 18.89
CA LEU B 52 24.43 -18.70 18.40
C LEU B 52 23.94 -20.14 18.29
N SER B 53 22.94 -20.52 19.06
CA SER B 53 22.39 -21.87 19.00
C SER B 53 21.33 -22.01 17.93
N GLN B 54 21.00 -20.93 17.22
CA GLN B 54 20.08 -20.99 16.09
C GLN B 54 20.83 -20.58 14.82
N PRO B 55 20.41 -21.07 13.65
CA PRO B 55 21.16 -20.80 12.41
C PRO B 55 21.28 -19.31 12.12
N ILE B 56 22.32 -18.95 11.37
CA ILE B 56 22.48 -17.56 10.94
C ILE B 56 21.55 -17.22 9.78
N LEU B 57 21.04 -18.23 9.09
CA LEU B 57 20.00 -18.08 8.09
C LEU B 57 18.77 -18.79 8.65
N LEU B 58 17.86 -18.02 9.26
CA LEU B 58 16.70 -18.60 9.92
C LEU B 58 15.73 -19.19 8.92
N GLU B 59 15.19 -20.34 9.25
CA GLU B 59 14.17 -20.99 8.42
C GLU B 59 12.93 -21.10 9.30
N LEU B 60 12.01 -20.14 9.13
CA LEU B 60 10.82 -20.01 9.95
C LEU B 60 9.60 -20.46 9.17
N GLU B 61 8.57 -20.85 9.91
CA GLU B 61 7.30 -21.24 9.33
C GLU B 61 6.18 -20.37 9.90
N ALA B 62 5.18 -20.10 9.06
CA ALA B 62 4.04 -19.27 9.46
C ALA B 62 3.20 -19.98 10.52
N PRO B 63 2.39 -19.23 11.29
CA PRO B 63 2.15 -17.77 11.20
C PRO B 63 3.14 -16.93 11.98
N LEU B 64 3.48 -15.76 11.45
CA LEU B 64 4.28 -14.80 12.18
C LEU B 64 4.07 -13.41 11.60
N LYS B 65 4.42 -12.41 12.39
CA LYS B 65 4.25 -11.00 12.03
C LYS B 65 5.63 -10.37 11.88
N ILE B 66 5.86 -9.74 10.73
CA ILE B 66 7.17 -9.19 10.37
C ILE B 66 7.14 -7.67 10.51
N CYS B 67 8.15 -7.12 11.18
CA CYS B 67 8.21 -5.69 11.46
C CYS B 67 9.50 -5.08 10.90
N GLY B 68 9.43 -3.80 10.55
CA GLY B 68 10.56 -3.05 10.07
C GLY B 68 11.24 -2.28 11.18
N ASP B 69 12.00 -1.25 10.79
CA ASP B 69 12.83 -0.53 11.73
C ASP B 69 12.00 -0.01 12.90
N ILE B 70 12.62 0.06 14.06
CA ILE B 70 12.01 0.66 15.24
C ILE B 70 12.73 1.95 15.63
N HIS B 71 14.04 2.01 15.44
CA HIS B 71 14.84 3.22 15.65
C HIS B 71 14.67 3.78 17.05
N GLY B 72 14.64 2.89 18.04
CA GLY B 72 14.60 3.30 19.42
C GLY B 72 13.31 3.96 19.87
N GLN B 73 12.31 4.04 19.01
CA GLN B 73 11.04 4.67 19.38
C GLN B 73 10.28 3.65 20.22
N TYR B 74 10.54 3.66 21.53
CA TYR B 74 10.07 2.59 22.39
C TYR B 74 8.55 2.55 22.48
N TYR B 75 7.88 3.71 22.50
CA TYR B 75 6.43 3.69 22.62
C TYR B 75 5.76 3.22 21.33
N ASP B 76 6.42 3.36 20.19
CA ASP B 76 5.87 2.78 18.97
C ASP B 76 6.06 1.28 18.92
N LEU B 77 7.11 0.76 19.55
CA LEU B 77 7.22 -0.70 19.69
C LEU B 77 6.10 -1.23 20.57
N LEU B 78 5.84 -0.54 21.69
CA LEU B 78 4.75 -0.96 22.57
C LEU B 78 3.40 -0.93 21.85
N ARG B 79 3.14 0.12 21.08
CA ARG B 79 1.87 0.17 20.36
C ARG B 79 1.83 -0.90 19.27
N LEU B 80 2.98 -1.13 18.62
CA LEU B 80 3.06 -2.21 17.64
C LEU B 80 2.64 -3.54 18.25
N PHE B 81 3.10 -3.82 19.46
CA PHE B 81 2.68 -5.04 20.14
C PHE B 81 1.19 -5.02 20.47
N GLU B 82 0.61 -3.83 20.64
CA GLU B 82 -0.82 -3.75 20.92
C GLU B 82 -1.64 -4.17 19.72
N TYR B 83 -1.22 -3.78 18.52
CA TYR B 83 -1.94 -4.14 17.31
C TYR B 83 -1.75 -5.63 17.00
N GLY B 84 -0.50 -6.09 16.99
CA GLY B 84 -0.22 -7.47 16.63
C GLY B 84 -0.44 -8.48 17.73
N GLY B 85 -0.48 -8.04 18.98
CA GLY B 85 -0.58 -8.95 20.11
C GLY B 85 0.75 -9.19 20.78
N PHE B 86 0.79 -9.04 22.10
CA PHE B 86 2.03 -9.22 22.83
C PHE B 86 2.44 -10.69 22.83
N PRO B 87 3.73 -10.98 22.73
CA PRO B 87 4.20 -12.37 22.84
C PRO B 87 3.71 -13.00 24.13
N PRO B 88 3.32 -14.27 24.11
CA PRO B 88 3.43 -15.21 22.99
C PRO B 88 2.19 -15.33 22.12
N GLU B 89 1.27 -14.35 22.20
CA GLU B 89 0.03 -14.46 21.45
C GLU B 89 0.26 -14.47 19.94
N SER B 90 1.39 -13.91 19.50
CA SER B 90 1.75 -13.96 18.09
C SER B 90 3.25 -14.18 17.99
N ASN B 91 3.68 -14.63 16.81
CA ASN B 91 5.08 -14.86 16.50
C ASN B 91 5.65 -13.65 15.76
N TYR B 92 6.86 -13.26 16.12
CA TYR B 92 7.43 -12.03 15.59
C TYR B 92 8.78 -12.29 14.95
N LEU B 93 9.02 -11.63 13.82
CA LEU B 93 10.34 -11.53 13.20
C LEU B 93 10.60 -10.05 12.88
N PHE B 94 11.53 -9.43 13.60
CA PHE B 94 11.95 -8.07 13.33
C PHE B 94 13.13 -8.07 12.36
N LEU B 95 13.22 -7.03 11.54
CA LEU B 95 14.22 -6.99 10.48
C LEU B 95 15.39 -6.04 10.77
N GLY B 96 15.51 -5.49 11.97
CA GLY B 96 16.72 -4.81 12.37
C GLY B 96 16.49 -3.34 12.64
N ASP B 97 17.60 -2.67 13.00
CA ASP B 97 17.63 -1.26 13.40
C ASP B 97 16.69 -1.00 14.58
N TYR B 98 17.09 -1.58 15.71
CA TYR B 98 16.36 -1.44 16.96
C TYR B 98 16.81 -0.26 17.79
N VAL B 99 18.04 0.22 17.60
CA VAL B 99 18.57 1.32 18.40
C VAL B 99 18.92 2.50 17.49
N ASP B 100 18.91 3.69 18.10
CA ASP B 100 19.21 4.94 17.41
C ASP B 100 19.30 6.09 18.40
N ARG B 101 19.23 7.32 17.89
CA ARG B 101 19.13 8.48 18.76
C ARG B 101 17.80 8.48 19.49
N GLY B 102 17.65 9.41 20.42
CA GLY B 102 16.53 9.39 21.33
C GLY B 102 16.95 8.57 22.52
N LYS B 103 16.50 8.94 23.72
CA LYS B 103 17.00 8.27 24.91
C LYS B 103 16.05 7.17 25.37
N GLN B 104 15.63 6.33 24.42
CA GLN B 104 14.86 5.14 24.74
C GLN B 104 15.30 3.91 23.94
N SER B 105 16.53 3.87 23.45
CA SER B 105 16.95 2.67 22.73
C SER B 105 17.20 1.52 23.68
N LEU B 106 17.62 1.83 24.91
CA LEU B 106 17.87 0.76 25.89
C LEU B 106 16.59 0.02 26.22
N GLU B 107 15.49 0.74 26.46
CA GLU B 107 14.22 0.09 26.72
C GLU B 107 13.79 -0.74 25.52
N THR B 108 14.02 -0.23 24.32
CA THR B 108 13.63 -0.94 23.10
C THR B 108 14.36 -2.27 23.00
N ILE B 109 15.70 -2.25 23.03
CA ILE B 109 16.46 -3.47 22.80
C ILE B 109 16.29 -4.44 23.96
N CYS B 110 16.17 -3.93 25.19
CA CYS B 110 16.00 -4.82 26.34
C CYS B 110 14.69 -5.59 26.26
N LEU B 111 13.62 -4.93 25.84
CA LEU B 111 12.34 -5.63 25.74
C LEU B 111 12.40 -6.70 24.67
N LEU B 112 13.02 -6.39 23.54
CA LEU B 112 13.13 -7.38 22.47
C LEU B 112 13.99 -8.55 22.90
N LEU B 113 15.10 -8.27 23.58
CA LEU B 113 15.95 -9.35 24.07
C LEU B 113 15.24 -10.18 25.12
N ALA B 114 14.48 -9.53 26.01
CA ALA B 114 13.74 -10.26 27.03
C ALA B 114 12.73 -11.20 26.40
N TYR B 115 11.99 -10.74 25.40
CA TYR B 115 11.07 -11.63 24.69
C TYR B 115 11.81 -12.73 23.96
N LYS B 116 12.98 -12.41 23.40
CA LYS B 116 13.78 -13.43 22.74
C LYS B 116 14.18 -14.54 23.70
N ILE B 117 14.56 -14.16 24.93
CA ILE B 117 14.92 -15.18 25.91
C ILE B 117 13.68 -15.96 26.36
N LYS B 118 12.56 -15.27 26.56
CA LYS B 118 11.40 -15.95 27.13
C LYS B 118 10.72 -16.87 26.12
N TYR B 119 10.68 -16.47 24.85
CA TYR B 119 10.03 -17.25 23.80
C TYR B 119 11.01 -17.45 22.66
N PRO B 120 12.06 -18.24 22.88
CA PRO B 120 13.18 -18.27 21.92
C PRO B 120 12.85 -18.94 20.60
N GLU B 121 11.74 -19.66 20.48
CA GLU B 121 11.39 -20.24 19.19
C GLU B 121 10.08 -19.70 18.64
N ASN B 122 9.60 -18.57 19.19
CA ASN B 122 8.43 -17.86 18.67
C ASN B 122 8.69 -16.37 18.53
N PHE B 123 9.94 -15.93 18.72
CA PHE B 123 10.31 -14.53 18.65
C PHE B 123 11.68 -14.44 18.01
N PHE B 124 11.85 -13.56 17.02
CA PHE B 124 13.08 -13.54 16.25
C PHE B 124 13.49 -12.12 15.88
N LEU B 125 14.81 -11.90 15.86
CA LEU B 125 15.40 -10.60 15.56
C LEU B 125 16.49 -10.80 14.52
N LEU B 126 16.39 -10.07 13.40
CA LEU B 126 17.48 -10.03 12.43
C LEU B 126 18.42 -8.87 12.76
N ARG B 127 19.57 -8.85 12.07
CA ARG B 127 20.55 -7.81 12.32
C ARG B 127 20.35 -6.67 11.32
N GLY B 128 20.29 -5.45 11.84
CA GLY B 128 20.30 -4.27 11.01
C GLY B 128 21.66 -3.59 11.07
N ASN B 129 21.85 -2.63 10.17
CA ASN B 129 23.10 -1.89 10.14
C ASN B 129 23.27 -1.00 11.36
N HIS B 130 22.20 -0.75 12.12
CA HIS B 130 22.35 -0.04 13.38
C HIS B 130 22.87 -0.94 14.50
N GLU B 131 22.95 -2.23 14.26
CA GLU B 131 23.49 -3.18 15.24
C GLU B 131 24.92 -3.56 14.88
N CYS B 132 25.72 -2.56 14.54
CA CYS B 132 27.13 -2.77 14.24
C CYS B 132 27.95 -2.60 15.51
N ALA B 133 29.25 -2.88 15.40
CA ALA B 133 30.16 -2.90 16.54
C ALA B 133 31.06 -1.67 16.60
N SER B 134 30.67 -0.58 15.93
CA SER B 134 31.47 0.64 15.92
C SER B 134 30.55 1.85 16.02
N ILE B 135 31.18 3.02 16.13
CA ILE B 135 30.48 4.29 15.92
C ILE B 135 31.05 4.95 14.68
N ASN B 136 31.33 4.16 13.65
CA ASN B 136 31.79 4.72 12.39
C ASN B 136 30.69 5.53 11.70
N ARG B 137 29.42 5.12 11.86
CA ARG B 137 28.30 5.80 11.22
C ARG B 137 27.11 6.05 12.12
N ILE B 138 27.06 5.47 13.32
CA ILE B 138 25.94 5.61 14.24
C ILE B 138 26.50 5.99 15.60
N TYR B 139 25.94 7.01 16.23
CA TYR B 139 26.41 7.48 17.51
C TYR B 139 25.35 7.48 18.59
N GLY B 140 24.07 7.46 18.24
CA GLY B 140 23.02 7.67 19.22
C GLY B 140 23.02 6.63 20.32
N PHE B 141 23.08 5.35 19.95
CA PHE B 141 23.00 4.29 20.95
C PHE B 141 24.24 4.28 21.84
N TYR B 142 25.42 4.46 21.24
CA TYR B 142 26.63 4.61 22.05
C TYR B 142 26.50 5.76 23.04
N ASP B 143 25.94 6.88 22.57
CA ASP B 143 25.74 8.05 23.42
C ASP B 143 24.79 7.73 24.58
N GLU B 144 23.70 7.01 24.31
CA GLU B 144 22.76 6.68 25.38
C GLU B 144 23.40 5.77 26.42
N CYS B 145 24.22 4.81 25.98
CA CYS B 145 24.80 3.86 26.92
C CYS B 145 25.73 4.56 27.90
N LYS B 146 26.63 5.40 27.40
CA LYS B 146 27.59 6.06 28.27
C LYS B 146 26.92 7.09 29.18
N ARG B 147 25.80 7.67 28.74
CA ARG B 147 25.11 8.67 29.53
C ARG B 147 24.31 8.04 30.67
N ARG B 148 23.66 6.91 30.40
CA ARG B 148 22.87 6.25 31.41
C ARG B 148 23.66 5.19 32.19
N TYR B 149 24.75 4.67 31.62
CA TYR B 149 25.52 3.64 32.29
C TYR B 149 27.02 3.84 32.10
N ASN B 150 27.63 3.07 31.21
CA ASN B 150 29.04 3.26 30.90
C ASN B 150 29.32 2.74 29.50
N ILE B 151 30.50 3.11 28.98
CA ILE B 151 30.88 2.70 27.63
C ILE B 151 31.00 1.20 27.53
N LYS B 152 31.43 0.53 28.60
CA LYS B 152 31.59 -0.92 28.56
C LYS B 152 30.27 -1.61 28.25
N LEU B 153 29.17 -1.10 28.79
CA LEU B 153 27.87 -1.70 28.49
C LEU B 153 27.59 -1.68 26.99
N TRP B 154 27.95 -0.59 26.32
CA TRP B 154 27.85 -0.57 24.86
C TRP B 154 28.72 -1.64 24.24
N LYS B 155 29.95 -1.80 24.75
CA LYS B 155 30.81 -2.86 24.28
C LYS B 155 30.15 -4.22 24.46
N THR B 156 29.54 -4.44 25.64
CA THR B 156 28.79 -5.66 25.88
C THR B 156 27.66 -5.83 24.86
N PHE B 157 27.04 -4.73 24.44
CA PHE B 157 25.98 -4.83 23.45
C PHE B 157 26.52 -5.24 22.09
N THR B 158 27.72 -4.76 21.74
CA THR B 158 28.31 -5.16 20.46
C THR B 158 28.59 -6.65 20.44
N ASP B 159 28.89 -7.25 21.59
CA ASP B 159 29.03 -8.70 21.65
C ASP B 159 27.74 -9.40 21.30
N CYS B 160 26.62 -8.89 21.83
CA CYS B 160 25.31 -9.42 21.47
C CYS B 160 25.00 -9.17 20.00
N PHE B 161 25.14 -7.92 19.56
CA PHE B 161 24.81 -7.56 18.17
C PHE B 161 25.61 -8.39 17.18
N ASN B 162 26.88 -8.68 17.50
CA ASN B 162 27.73 -9.43 16.59
C ASN B 162 27.25 -10.85 16.36
N CYS B 163 26.27 -11.32 17.13
CA CYS B 163 25.77 -12.68 17.00
C CYS B 163 24.34 -12.76 16.46
N LEU B 164 23.72 -11.62 16.12
CA LEU B 164 22.38 -11.64 15.55
C LEU B 164 22.39 -12.37 14.20
N PRO B 165 21.31 -13.06 13.86
CA PRO B 165 21.23 -13.67 12.53
C PRO B 165 21.05 -12.61 11.45
N ILE B 166 21.29 -13.04 10.22
CA ILE B 166 21.43 -12.11 9.11
C ILE B 166 20.25 -12.14 8.14
N ALA B 167 19.63 -13.30 7.93
CA ALA B 167 18.50 -13.40 7.03
C ALA B 167 17.58 -14.51 7.51
N ALA B 168 16.38 -14.55 6.95
CA ALA B 168 15.40 -15.57 7.28
C ALA B 168 14.56 -15.87 6.07
N ILE B 169 14.15 -17.13 5.94
CA ILE B 169 13.29 -17.59 4.86
C ILE B 169 12.04 -18.20 5.48
N VAL B 170 10.89 -17.59 5.20
CA VAL B 170 9.62 -18.02 5.79
C VAL B 170 8.93 -18.99 4.85
N ASP B 171 8.74 -20.23 5.33
CA ASP B 171 8.02 -21.27 4.57
C ASP B 171 8.56 -21.42 3.14
N GLU B 172 9.88 -21.31 3.00
CA GLU B 172 10.57 -21.58 1.75
C GLU B 172 10.14 -20.65 0.63
N LYS B 173 9.51 -19.52 0.94
CA LYS B 173 9.02 -18.63 -0.10
C LYS B 173 9.30 -17.15 0.14
N ILE B 174 9.55 -16.71 1.37
CA ILE B 174 9.74 -15.30 1.68
C ILE B 174 11.15 -15.11 2.24
N PHE B 175 12.00 -14.42 1.48
CA PHE B 175 13.35 -14.08 1.91
C PHE B 175 13.32 -12.75 2.66
N CYS B 176 13.91 -12.75 3.85
CA CYS B 176 13.87 -11.59 4.72
C CYS B 176 15.28 -11.19 5.12
N CYS B 177 15.58 -9.89 5.01
CA CYS B 177 16.81 -9.33 5.52
C CYS B 177 16.57 -7.84 5.71
N HIS B 178 17.53 -7.16 6.33
CA HIS B 178 17.35 -5.74 6.61
C HIS B 178 17.54 -4.89 5.36
N GLY B 179 18.69 -5.02 4.70
CA GLY B 179 19.00 -4.21 3.54
C GLY B 179 18.44 -4.75 2.25
N GLY B 180 19.13 -5.72 1.65
CA GLY B 180 18.68 -6.28 0.39
C GLY B 180 19.70 -7.24 -0.20
N LEU B 181 19.66 -7.36 -1.51
CA LEU B 181 20.44 -8.36 -2.22
C LEU B 181 21.88 -7.89 -2.41
N SER B 182 22.74 -8.83 -2.80
CA SER B 182 24.16 -8.61 -2.99
C SER B 182 24.59 -9.13 -4.34
N PRO B 183 25.48 -8.43 -5.04
CA PRO B 183 26.04 -8.98 -6.28
C PRO B 183 26.87 -10.22 -6.05
N ASP B 184 27.29 -10.47 -4.81
CA ASP B 184 28.04 -11.67 -4.46
C ASP B 184 27.16 -12.84 -4.05
N LEU B 185 25.84 -12.64 -3.92
CA LEU B 185 24.95 -13.68 -3.40
C LEU B 185 24.48 -14.58 -4.54
N GLN B 186 25.03 -15.80 -4.60
CA GLN B 186 24.63 -16.81 -5.58
C GLN B 186 23.87 -17.98 -4.99
N SER B 187 24.19 -18.37 -3.76
CA SER B 187 23.51 -19.48 -3.10
C SER B 187 23.28 -19.12 -1.65
N MET B 188 22.23 -19.70 -1.07
CA MET B 188 21.97 -19.50 0.35
C MET B 188 23.14 -19.97 1.21
N GLU B 189 23.93 -20.91 0.68
CA GLU B 189 25.06 -21.45 1.42
C GLU B 189 26.03 -20.34 1.82
N GLN B 190 26.21 -19.34 0.96
CA GLN B 190 27.14 -18.27 1.28
C GLN B 190 26.70 -17.51 2.52
N ILE B 191 25.39 -17.38 2.74
CA ILE B 191 24.92 -16.77 3.97
C ILE B 191 25.22 -17.68 5.16
N ARG B 192 24.98 -18.98 5.00
CA ARG B 192 25.25 -19.93 6.08
C ARG B 192 26.73 -20.00 6.45
N ARG B 193 27.62 -19.64 5.52
CA ARG B 193 29.04 -19.64 5.79
C ARG B 193 29.50 -18.41 6.58
N ILE B 194 28.65 -17.40 6.75
CA ILE B 194 29.05 -16.23 7.52
C ILE B 194 29.19 -16.63 8.98
N MET B 195 30.30 -16.22 9.59
CA MET B 195 30.68 -16.70 10.91
C MET B 195 30.50 -15.61 11.95
N ARG B 196 30.14 -16.02 13.15
CA ARG B 196 29.87 -15.12 14.26
C ARG B 196 30.73 -15.51 15.46
N PRO B 197 31.11 -14.53 16.30
CA PRO B 197 30.80 -13.11 16.17
C PRO B 197 31.56 -12.42 15.04
N THR B 198 30.95 -11.41 14.45
CA THR B 198 31.56 -10.61 13.40
C THR B 198 30.96 -9.21 13.46
N ASP B 199 31.74 -8.23 13.04
CA ASP B 199 31.16 -6.91 12.81
C ASP B 199 30.66 -6.82 11.37
N VAL B 200 29.95 -5.75 11.08
CA VAL B 200 29.46 -5.49 9.73
C VAL B 200 30.58 -4.82 8.96
N PRO B 201 31.11 -5.45 7.91
CA PRO B 201 32.12 -4.78 7.08
C PRO B 201 31.49 -3.73 6.19
N ASP B 202 32.36 -2.99 5.50
CA ASP B 202 31.98 -2.03 4.48
C ASP B 202 31.98 -2.63 3.09
N GLN B 203 32.27 -3.93 2.98
CA GLN B 203 32.35 -4.61 1.71
C GLN B 203 31.94 -6.07 1.92
N GLY B 204 31.20 -6.60 0.95
CA GLY B 204 30.93 -8.03 0.89
C GLY B 204 29.47 -8.37 1.13
N LEU B 205 29.22 -9.68 1.14
CA LEU B 205 27.86 -10.19 1.24
C LEU B 205 27.17 -9.67 2.49
N LEU B 206 27.80 -9.82 3.66
CA LEU B 206 27.17 -9.37 4.89
C LEU B 206 26.91 -7.88 4.87
N CYS B 207 27.78 -7.10 4.22
CA CYS B 207 27.53 -5.66 4.11
C CYS B 207 26.27 -5.38 3.32
N ASP B 208 26.13 -6.00 2.15
CA ASP B 208 25.00 -5.70 1.27
C ASP B 208 23.69 -6.17 1.87
N LEU B 209 23.70 -7.29 2.59
CA LEU B 209 22.48 -7.76 3.23
C LEU B 209 21.94 -6.75 4.24
N LEU B 210 22.78 -5.83 4.71
CA LEU B 210 22.35 -4.85 5.69
C LEU B 210 22.30 -3.42 5.15
N TRP B 211 22.69 -3.19 3.90
CA TRP B 211 22.86 -1.81 3.46
C TRP B 211 22.22 -1.51 2.12
N SER B 212 22.16 -2.49 1.22
CA SER B 212 21.74 -2.24 -0.14
C SER B 212 20.26 -1.83 -0.19
N ASP B 213 19.91 -1.11 -1.25
CA ASP B 213 18.58 -0.58 -1.50
C ASP B 213 18.10 -0.95 -2.89
N PRO B 214 16.79 -0.99 -3.10
CA PRO B 214 16.24 -1.04 -4.46
C PRO B 214 16.07 0.34 -5.07
N ASP B 215 16.02 0.37 -6.41
CA ASP B 215 15.85 1.62 -7.14
C ASP B 215 15.11 1.36 -8.45
N LYS B 216 14.10 2.21 -8.71
CA LYS B 216 13.34 2.12 -9.95
C LYS B 216 14.21 2.32 -11.19
N ASP B 217 15.21 3.20 -11.09
CA ASP B 217 15.98 3.57 -12.28
C ASP B 217 16.91 2.45 -12.74
N VAL B 218 17.60 1.80 -11.80
CA VAL B 218 18.61 0.81 -12.15
C VAL B 218 17.98 -0.46 -12.69
N GLN B 219 18.57 -1.02 -13.75
CA GLN B 219 18.10 -2.29 -14.28
C GLN B 219 18.86 -3.47 -13.67
N GLY B 220 20.17 -3.30 -13.45
CA GLY B 220 20.97 -4.35 -12.82
C GLY B 220 21.52 -3.91 -11.48
N TRP B 221 22.83 -3.70 -11.38
CA TRP B 221 23.46 -3.18 -10.17
C TRP B 221 23.92 -1.74 -10.39
N GLY B 222 23.63 -0.88 -9.41
CA GLY B 222 24.04 0.50 -9.46
C GLY B 222 24.74 0.90 -8.17
N GLU B 223 25.14 2.15 -8.12
CA GLU B 223 25.87 2.65 -6.97
C GLU B 223 24.89 3.27 -5.97
N ASN B 224 25.25 3.24 -4.69
CA ASN B 224 24.36 3.65 -3.61
C ASN B 224 24.76 5.03 -3.10
N ASP B 225 23.79 5.93 -3.02
CA ASP B 225 24.01 7.28 -2.51
C ASP B 225 24.31 7.32 -1.01
N ARG B 226 24.17 6.20 -0.30
CA ARG B 226 24.54 6.17 1.10
C ARG B 226 26.06 6.19 1.30
N GLY B 227 26.82 5.85 0.26
CA GLY B 227 28.24 5.71 0.41
C GLY B 227 28.68 4.31 0.76
N VAL B 228 27.75 3.36 0.81
CA VAL B 228 28.03 1.98 1.20
C VAL B 228 27.25 1.06 0.28
N SER B 229 27.83 -0.11 0.00
CA SER B 229 27.11 -1.19 -0.68
C SER B 229 26.72 -0.74 -2.09
N PHE B 230 25.63 -1.29 -2.61
CA PHE B 230 25.21 -1.00 -3.97
C PHE B 230 23.72 -0.70 -4.01
N THR B 231 23.20 -0.54 -5.21
CA THR B 231 21.77 -0.47 -5.47
C THR B 231 21.43 -1.51 -6.51
N PHE B 232 20.29 -2.17 -6.33
CA PHE B 232 19.81 -3.13 -7.31
C PHE B 232 18.43 -2.69 -7.77
N GLY B 233 18.08 -3.04 -9.01
CA GLY B 233 16.78 -2.74 -9.57
C GLY B 233 15.93 -3.98 -9.71
N ALA B 234 14.85 -3.83 -10.45
CA ALA B 234 13.97 -4.96 -10.72
C ALA B 234 14.76 -5.97 -11.55
N GLU B 235 14.11 -7.06 -11.95
CA GLU B 235 14.77 -8.09 -12.74
C GLU B 235 15.88 -8.76 -11.92
N VAL B 236 16.81 -7.97 -11.36
CA VAL B 236 17.71 -8.52 -10.33
C VAL B 236 16.89 -9.26 -9.29
N VAL B 237 15.84 -8.58 -8.80
CA VAL B 237 14.89 -9.20 -7.87
C VAL B 237 14.24 -10.41 -8.51
N ALA B 238 13.90 -10.31 -9.80
CA ALA B 238 13.22 -11.41 -10.47
C ALA B 238 14.14 -12.61 -10.66
N LYS B 239 15.40 -12.37 -11.04
CA LYS B 239 16.34 -13.47 -11.18
C LYS B 239 16.53 -14.20 -9.87
N PHE B 240 16.59 -13.44 -8.77
CA PHE B 240 16.81 -14.06 -7.46
C PHE B 240 15.63 -14.95 -7.07
N LEU B 241 14.40 -14.48 -7.27
CA LEU B 241 13.25 -15.29 -6.90
C LEU B 241 13.10 -16.51 -7.81
N HIS B 242 13.48 -16.38 -9.08
CA HIS B 242 13.39 -17.54 -9.97
C HIS B 242 14.50 -18.54 -9.66
N LYS B 243 15.70 -18.04 -9.34
CA LYS B 243 16.83 -18.94 -9.10
C LYS B 243 16.60 -19.79 -7.86
N HIS B 244 15.95 -19.23 -6.83
CA HIS B 244 15.79 -19.92 -5.56
C HIS B 244 14.34 -20.32 -5.27
N ASP B 245 13.44 -20.20 -6.25
CA ASP B 245 12.04 -20.60 -6.11
C ASP B 245 11.39 -19.94 -4.89
N LEU B 246 11.44 -18.62 -4.88
CA LEU B 246 10.84 -17.79 -3.85
C LEU B 246 9.78 -16.90 -4.47
N ASP B 247 8.94 -16.33 -3.60
CA ASP B 247 7.84 -15.49 -4.04
C ASP B 247 8.03 -14.02 -3.71
N LEU B 248 8.83 -13.69 -2.71
CA LEU B 248 8.86 -12.31 -2.23
C LEU B 248 10.14 -12.08 -1.44
N ILE B 249 10.69 -10.87 -1.56
CA ILE B 249 11.73 -10.39 -0.68
C ILE B 249 11.11 -9.36 0.26
N CYS B 250 11.26 -9.58 1.55
CA CYS B 250 10.72 -8.69 2.57
C CYS B 250 11.87 -8.05 3.32
N ARG B 251 11.96 -6.73 3.25
CA ARG B 251 13.12 -5.99 3.70
C ARG B 251 12.64 -4.73 4.43
N ALA B 252 13.59 -4.05 5.07
CA ALA B 252 13.27 -2.80 5.74
C ALA B 252 14.22 -1.70 5.27
N HIS B 253 14.80 -0.95 6.22
CA HIS B 253 15.98 -0.12 6.00
C HIS B 253 15.66 1.25 5.40
N GLN B 254 14.52 1.42 4.75
CA GLN B 254 14.15 2.70 4.15
C GLN B 254 12.83 3.19 4.68
N VAL B 255 12.78 4.49 4.98
CA VAL B 255 11.53 5.12 5.39
C VAL B 255 10.61 5.20 4.17
N VAL B 256 9.36 4.77 4.34
CA VAL B 256 8.34 4.88 3.31
C VAL B 256 7.10 5.52 3.91
N GLU B 257 6.33 6.20 3.05
CA GLU B 257 5.19 7.00 3.49
C GLU B 257 4.19 6.19 4.32
N ASP B 258 3.69 5.09 3.76
CA ASP B 258 2.62 4.32 4.39
C ASP B 258 3.15 3.19 5.26
N GLY B 259 4.44 3.23 5.61
CA GLY B 259 5.06 2.17 6.39
C GLY B 259 5.44 0.96 5.57
N TYR B 260 4.72 0.70 4.48
CA TYR B 260 5.08 -0.37 3.56
C TYR B 260 4.98 0.13 2.14
N GLU B 261 5.75 -0.51 1.26
CA GLU B 261 5.82 -0.10 -0.15
C GLU B 261 6.36 -1.24 -0.98
N PHE B 262 5.70 -1.52 -2.09
CA PHE B 262 6.10 -2.60 -2.98
C PHE B 262 7.11 -2.11 -4.01
N PHE B 263 7.75 -3.08 -4.65
CA PHE B 263 8.80 -2.83 -5.62
C PHE B 263 8.80 -3.97 -6.63
N ALA B 264 9.10 -3.64 -7.88
CA ALA B 264 9.26 -4.63 -8.95
C ALA B 264 8.02 -5.52 -9.08
N LYS B 265 6.88 -4.86 -9.29
CA LYS B 265 5.61 -5.55 -9.48
C LYS B 265 5.29 -6.47 -8.29
N ARG B 266 5.48 -5.92 -7.10
CA ARG B 266 5.11 -6.58 -5.85
C ARG B 266 5.92 -7.84 -5.59
N GLN B 267 7.12 -7.92 -6.16
CA GLN B 267 8.02 -9.01 -5.85
C GLN B 267 8.94 -8.71 -4.67
N LEU B 268 9.07 -7.43 -4.31
CA LEU B 268 9.77 -7.01 -3.10
C LEU B 268 8.89 -6.03 -2.34
N VAL B 269 9.01 -6.02 -1.02
CA VAL B 269 8.29 -5.06 -0.20
C VAL B 269 9.22 -4.50 0.86
N THR B 270 9.11 -3.21 1.11
CA THR B 270 9.86 -2.53 2.15
C THR B 270 8.93 -2.26 3.33
N LEU B 271 9.36 -2.65 4.52
CA LEU B 271 8.60 -2.43 5.74
C LEU B 271 9.36 -1.46 6.63
N PHE B 272 8.61 -0.58 7.29
CA PHE B 272 9.19 0.40 8.19
C PHE B 272 8.21 0.58 9.33
N SER B 273 8.63 0.29 10.56
CA SER B 273 7.69 0.24 11.66
C SER B 273 7.90 1.36 12.66
N ALA B 274 8.55 2.45 12.25
CA ALA B 274 8.79 3.60 13.11
C ALA B 274 8.00 4.79 12.59
N PRO B 275 6.84 5.10 13.17
CA PRO B 275 6.05 6.23 12.68
C PRO B 275 6.73 7.55 12.97
N ASN B 276 6.69 8.45 11.98
CA ASN B 276 7.34 9.76 12.05
C ASN B 276 8.77 9.65 12.56
N TYR B 277 9.61 9.04 11.73
CA TYR B 277 11.02 8.91 12.08
C TYR B 277 11.59 10.30 12.35
N CYS B 278 12.24 10.45 13.50
CA CYS B 278 12.77 11.72 13.97
C CYS B 278 11.64 12.70 14.28
N GLY B 279 10.94 13.16 13.23
CA GLY B 279 9.91 14.18 13.35
C GLY B 279 9.84 14.95 12.05
N GLU B 280 11.01 15.01 11.40
CA GLU B 280 11.18 15.73 10.14
C GLU B 280 10.41 15.08 9.00
N PHE B 281 10.17 13.77 9.07
CA PHE B 281 9.33 13.06 8.13
C PHE B 281 7.88 13.08 8.60
N ASP B 282 6.96 12.67 7.73
CA ASP B 282 5.58 12.49 8.12
C ASP B 282 5.12 11.15 7.52
N ASN B 283 5.70 10.07 8.04
CA ASN B 283 5.45 8.71 7.60
C ASN B 283 4.68 7.91 8.65
N ALA B 284 4.05 6.84 8.20
CA ALA B 284 3.42 5.87 9.08
C ALA B 284 4.31 4.62 9.20
N GLY B 285 3.96 3.77 10.15
CA GLY B 285 4.59 2.47 10.32
C GLY B 285 3.64 1.36 9.90
N ALA B 286 4.20 0.34 9.26
CA ALA B 286 3.42 -0.83 8.83
C ALA B 286 4.02 -2.11 9.43
N MET B 287 3.36 -3.23 9.14
CA MET B 287 3.74 -4.52 9.67
C MET B 287 3.05 -5.60 8.84
N MET B 288 3.83 -6.56 8.34
CA MET B 288 3.27 -7.62 7.48
C MET B 288 2.98 -8.87 8.29
N SER B 289 1.73 -9.33 8.21
CA SER B 289 1.28 -10.51 8.93
C SER B 289 1.08 -11.66 7.95
N VAL B 290 1.70 -12.81 8.23
CA VAL B 290 1.59 -14.01 7.42
C VAL B 290 0.85 -15.07 8.23
N ASP B 291 -0.13 -15.74 7.62
CA ASP B 291 -0.92 -16.76 8.27
C ASP B 291 -0.56 -18.15 7.73
N GLU B 292 -1.24 -19.17 8.25
CA GLU B 292 -0.86 -20.56 7.99
C GLU B 292 -0.89 -20.90 6.52
N THR B 293 -1.74 -20.23 5.73
CA THR B 293 -1.84 -20.52 4.31
C THR B 293 -0.92 -19.63 3.48
N LEU B 294 0.07 -19.01 4.11
CA LEU B 294 1.09 -18.23 3.42
C LEU B 294 0.48 -17.04 2.67
N MET B 295 -0.53 -16.42 3.28
CA MET B 295 -1.15 -15.22 2.74
C MET B 295 -0.70 -14.02 3.56
N CYS B 296 -0.40 -12.92 2.87
CA CYS B 296 0.20 -11.74 3.47
C CYS B 296 -0.81 -10.61 3.55
N SER B 297 -0.96 -10.03 4.74
CA SER B 297 -1.81 -8.88 4.96
C SER B 297 -1.00 -7.82 5.68
N PHE B 298 -1.24 -6.56 5.32
CA PHE B 298 -0.43 -5.45 5.80
C PHE B 298 -1.27 -4.56 6.71
N GLN B 299 -0.83 -4.42 7.96
CA GLN B 299 -1.46 -3.56 8.95
C GLN B 299 -0.64 -2.29 9.11
N ILE B 300 -1.32 -1.16 9.25
CA ILE B 300 -0.66 0.14 9.32
C ILE B 300 -0.85 0.72 10.71
N LEU B 301 0.24 1.19 11.30
CA LEU B 301 0.25 1.72 12.65
C LEU B 301 0.44 3.23 12.65
N LYS B 302 -0.39 3.92 13.45
CA LYS B 302 -0.19 5.33 13.66
C LYS B 302 -0.48 5.72 15.12
N ARG C 26 -3.55 -29.19 -32.49
CA ARG C 26 -3.22 -29.46 -33.89
C ARG C 26 -4.46 -29.87 -34.67
N ASP C 27 -5.38 -30.59 -34.00
CA ASP C 27 -6.63 -31.03 -34.61
C ASP C 27 -7.79 -30.57 -33.73
N ALA C 28 -8.28 -29.36 -33.99
CA ALA C 28 -9.45 -28.84 -33.30
C ALA C 28 -10.27 -28.00 -34.27
N GLU C 29 -11.60 -28.14 -34.21
CA GLU C 29 -12.45 -27.23 -34.97
C GLU C 29 -12.67 -25.93 -34.23
N ASP C 30 -12.55 -25.92 -32.90
CA ASP C 30 -12.70 -24.73 -32.08
C ASP C 30 -11.44 -24.52 -31.28
N VAL C 31 -10.92 -23.29 -31.31
CA VAL C 31 -9.70 -22.93 -30.60
C VAL C 31 -9.99 -21.66 -29.80
N ASP C 32 -9.61 -21.66 -28.53
CA ASP C 32 -10.00 -20.60 -27.60
C ASP C 32 -8.76 -20.14 -26.86
N LEU C 33 -8.35 -18.89 -27.09
CA LEU C 33 -7.27 -18.28 -26.34
C LEU C 33 -7.79 -17.04 -25.64
N ASN C 34 -8.85 -17.22 -24.85
CA ASN C 34 -9.41 -16.14 -24.05
C ASN C 34 -8.50 -15.86 -22.86
N HIS C 35 -8.11 -14.60 -22.69
CA HIS C 35 -7.25 -14.18 -21.58
C HIS C 35 -5.92 -14.95 -21.59
N TYR C 36 -5.13 -14.76 -22.65
CA TYR C 36 -3.82 -15.40 -22.75
C TYR C 36 -2.68 -14.42 -22.96
N ARG C 37 -2.89 -13.13 -22.68
CA ARG C 37 -1.80 -12.15 -22.66
C ARG C 37 -1.08 -12.00 -24.00
N ILE C 38 -1.46 -12.81 -25.00
CA ILE C 38 -0.78 -12.84 -26.29
C ILE C 38 -0.72 -11.43 -26.89
N GLY C 39 0.47 -11.01 -27.29
CA GLY C 39 0.62 -9.68 -27.84
C GLY C 39 0.81 -9.61 -29.34
N LYS C 40 0.87 -10.78 -30.00
CA LYS C 40 1.07 -10.82 -31.44
C LYS C 40 0.57 -12.15 -31.98
N ILE C 41 -0.03 -12.11 -33.17
CA ILE C 41 -0.55 -13.31 -33.84
C ILE C 41 0.60 -14.00 -34.58
N GLU C 42 1.09 -15.11 -34.03
CA GLU C 42 2.22 -15.83 -34.61
C GLU C 42 1.97 -17.33 -34.58
N GLY C 43 2.21 -17.97 -35.73
CA GLY C 43 2.26 -19.42 -35.81
C GLY C 43 0.93 -20.13 -35.74
N PHE C 44 -0.12 -19.55 -36.31
CA PHE C 44 -1.43 -20.20 -36.32
C PHE C 44 -1.64 -21.08 -37.55
N GLU C 45 -0.61 -21.28 -38.37
CA GLU C 45 -0.74 -22.12 -39.55
C GLU C 45 -0.86 -23.60 -39.18
N VAL C 46 -0.42 -23.96 -37.96
CA VAL C 46 -0.49 -25.34 -37.49
C VAL C 46 -1.93 -25.82 -37.46
N LEU C 47 -2.87 -24.92 -37.21
CA LEU C 47 -4.29 -25.29 -37.24
C LEU C 47 -4.70 -25.55 -38.68
N LYS C 48 -5.12 -26.79 -38.93
CA LYS C 48 -5.54 -27.21 -40.26
C LYS C 48 -6.99 -26.80 -40.59
N LYS C 49 -7.98 -27.33 -39.87
CA LYS C 49 -9.36 -26.99 -40.17
C LYS C 49 -10.03 -26.27 -39.00
N VAL C 50 -9.39 -25.21 -38.49
CA VAL C 50 -10.02 -24.40 -37.46
C VAL C 50 -11.28 -23.75 -38.00
N LYS C 51 -12.36 -23.79 -37.21
CA LYS C 51 -13.63 -23.18 -37.60
C LYS C 51 -14.03 -22.01 -36.72
N THR C 52 -13.64 -21.98 -35.45
CA THR C 52 -13.90 -20.86 -34.57
C THR C 52 -12.61 -20.51 -33.84
N LEU C 53 -12.15 -19.28 -33.99
CA LEU C 53 -10.94 -18.81 -33.32
C LEU C 53 -11.36 -17.69 -32.36
N CYS C 54 -11.01 -17.85 -31.09
CA CYS C 54 -11.37 -16.89 -30.05
C CYS C 54 -10.10 -16.29 -29.49
N LEU C 55 -9.99 -14.97 -29.58
CA LEU C 55 -8.80 -14.25 -29.14
C LEU C 55 -9.19 -13.06 -28.28
N ARG C 56 -10.22 -13.23 -27.45
CA ARG C 56 -10.71 -12.13 -26.66
C ARG C 56 -9.72 -11.77 -25.54
N GLN C 57 -9.83 -10.52 -25.09
CA GLN C 57 -9.06 -9.96 -23.98
C GLN C 57 -7.60 -10.44 -24.03
N ASN C 58 -6.99 -10.24 -25.19
CA ASN C 58 -5.56 -10.42 -25.36
C ASN C 58 -4.91 -9.05 -25.57
N LEU C 59 -3.69 -9.05 -26.11
CA LEU C 59 -2.93 -7.81 -26.27
C LEU C 59 -2.58 -7.54 -27.72
N ILE C 60 -3.36 -8.07 -28.67
CA ILE C 60 -3.09 -7.86 -30.09
C ILE C 60 -3.11 -6.36 -30.40
N LYS C 61 -2.13 -5.90 -31.19
CA LYS C 61 -2.10 -4.53 -31.65
C LYS C 61 -2.34 -4.37 -33.15
N CYS C 62 -2.31 -5.46 -33.91
CA CYS C 62 -2.57 -5.41 -35.35
C CYS C 62 -3.06 -6.78 -35.79
N ILE C 63 -3.79 -6.80 -36.89
CA ILE C 63 -4.25 -8.05 -37.49
C ILE C 63 -3.23 -8.48 -38.54
N GLU C 64 -2.80 -9.74 -38.44
CA GLU C 64 -1.79 -10.27 -39.35
C GLU C 64 -1.75 -11.78 -39.19
N ASN C 65 -1.06 -12.44 -40.12
CA ASN C 65 -0.77 -13.87 -40.07
C ASN C 65 -2.03 -14.71 -39.85
N LEU C 66 -3.06 -14.40 -40.63
CA LEU C 66 -4.31 -15.15 -40.58
C LEU C 66 -4.75 -15.66 -41.95
N GLU C 67 -4.00 -15.37 -43.01
CA GLU C 67 -4.43 -15.70 -44.37
C GLU C 67 -4.51 -17.21 -44.63
N GLU C 68 -4.01 -18.04 -43.71
CA GLU C 68 -3.99 -19.47 -43.96
C GLU C 68 -5.24 -20.16 -43.42
N LEU C 69 -5.82 -19.66 -42.34
CA LEU C 69 -6.99 -20.29 -41.69
C LEU C 69 -8.22 -20.03 -42.54
N GLN C 70 -8.33 -20.76 -43.64
CA GLN C 70 -9.38 -20.53 -44.63
C GLN C 70 -10.65 -21.33 -44.34
N SER C 71 -10.71 -21.99 -43.20
CA SER C 71 -11.88 -22.75 -42.79
C SER C 71 -12.67 -22.06 -41.68
N LEU C 72 -12.35 -20.82 -41.36
CA LEU C 72 -12.94 -20.12 -40.23
C LEU C 72 -14.33 -19.59 -40.55
N ARG C 73 -15.31 -19.87 -39.67
CA ARG C 73 -16.57 -19.14 -39.75
C ARG C 73 -16.57 -17.93 -38.82
N GLU C 74 -15.95 -18.05 -37.65
CA GLU C 74 -15.99 -17.02 -36.63
C GLU C 74 -14.58 -16.60 -36.24
N LEU C 75 -14.39 -15.29 -36.14
CA LEU C 75 -13.17 -14.71 -35.60
C LEU C 75 -13.56 -13.68 -34.56
N ASP C 76 -12.95 -13.76 -33.39
CA ASP C 76 -13.36 -12.98 -32.22
C ASP C 76 -12.14 -12.24 -31.71
N LEU C 77 -12.14 -10.92 -31.85
CA LEU C 77 -11.07 -10.07 -31.33
C LEU C 77 -11.64 -9.04 -30.35
N TYR C 78 -12.58 -9.48 -29.53
CA TYR C 78 -13.20 -8.63 -28.53
C TYR C 78 -12.15 -8.19 -27.51
N ASP C 79 -12.10 -6.87 -27.26
CA ASP C 79 -11.21 -6.27 -26.26
C ASP C 79 -9.73 -6.52 -26.57
N ASN C 80 -9.19 -5.79 -27.55
CA ASN C 80 -7.75 -5.75 -27.79
C ASN C 80 -7.34 -4.29 -28.03
N GLN C 81 -6.26 -4.08 -28.79
CA GLN C 81 -5.82 -2.72 -29.11
C GLN C 81 -5.63 -2.54 -30.62
N ILE C 82 -6.39 -3.26 -31.42
CA ILE C 82 -6.35 -3.07 -32.87
C ILE C 82 -6.82 -1.66 -33.21
N LYS C 83 -6.07 -0.98 -34.07
CA LYS C 83 -6.37 0.39 -34.47
C LYS C 83 -6.82 0.52 -35.93
N LYS C 84 -6.82 -0.57 -36.70
CA LYS C 84 -7.25 -0.54 -38.08
C LYS C 84 -7.56 -1.95 -38.54
N ILE C 85 -8.60 -2.10 -39.37
CA ILE C 85 -8.99 -3.39 -39.91
C ILE C 85 -8.19 -3.65 -41.18
N GLU C 86 -7.56 -4.82 -41.26
CA GLU C 86 -6.71 -5.19 -42.37
C GLU C 86 -6.47 -6.69 -42.34
N ASN C 87 -5.81 -7.16 -43.40
CA ASN C 87 -5.30 -8.53 -43.50
C ASN C 87 -6.37 -9.59 -43.30
N LEU C 88 -7.64 -9.25 -43.53
CA LEU C 88 -8.73 -10.20 -43.40
C LEU C 88 -9.28 -10.64 -44.75
N GLU C 89 -8.76 -10.10 -45.85
CA GLU C 89 -9.34 -10.33 -47.17
C GLU C 89 -9.35 -11.80 -47.55
N ALA C 90 -8.45 -12.60 -46.99
CA ALA C 90 -8.38 -14.00 -47.39
C ALA C 90 -9.60 -14.77 -46.91
N LEU C 91 -10.00 -14.58 -45.66
CA LEU C 91 -11.00 -15.46 -45.01
C LEU C 91 -12.39 -15.09 -45.49
N THR C 92 -12.77 -15.65 -46.63
CA THR C 92 -14.06 -15.34 -47.25
C THR C 92 -15.19 -16.25 -46.78
N GLU C 93 -14.89 -17.29 -46.00
CA GLU C 93 -15.94 -18.08 -45.37
C GLU C 93 -16.31 -17.53 -44.00
N LEU C 94 -15.69 -16.43 -43.59
CA LEU C 94 -15.98 -15.81 -42.31
C LEU C 94 -17.45 -15.39 -42.26
N GLU C 95 -18.15 -15.86 -41.22
CA GLU C 95 -19.56 -15.56 -41.02
C GLU C 95 -19.83 -14.66 -39.81
N ILE C 96 -18.94 -14.65 -38.82
CA ILE C 96 -19.10 -13.86 -37.61
C ILE C 96 -17.77 -13.17 -37.33
N LEU C 97 -17.77 -11.85 -37.24
CA LEU C 97 -16.56 -11.09 -36.95
C LEU C 97 -16.87 -10.10 -35.84
N ASP C 98 -16.03 -10.09 -34.81
CA ASP C 98 -16.22 -9.23 -33.64
C ASP C 98 -14.91 -8.54 -33.34
N ILE C 99 -14.85 -7.23 -33.59
CA ILE C 99 -13.68 -6.44 -33.20
C ILE C 99 -14.15 -5.35 -32.25
N SER C 100 -14.85 -5.74 -31.19
CA SER C 100 -15.40 -4.78 -30.25
C SER C 100 -14.35 -4.38 -29.23
N PHE C 101 -14.58 -3.23 -28.61
CA PHE C 101 -13.73 -2.72 -27.54
C PHE C 101 -12.26 -2.69 -27.97
N ASN C 102 -12.04 -2.13 -29.16
CA ASN C 102 -10.69 -1.83 -29.63
C ASN C 102 -10.57 -0.33 -29.82
N LEU C 103 -9.62 0.10 -30.66
CA LEU C 103 -9.46 1.53 -30.94
C LEU C 103 -9.59 1.79 -32.43
N LEU C 104 -10.63 1.23 -33.04
CA LEU C 104 -10.92 1.47 -34.44
C LEU C 104 -11.48 2.88 -34.63
N ARG C 105 -11.13 3.50 -35.76
CA ARG C 105 -11.64 4.81 -36.11
C ARG C 105 -12.38 4.83 -37.45
N ASN C 106 -12.16 3.82 -38.30
CA ASN C 106 -12.82 3.72 -39.58
C ASN C 106 -13.19 2.28 -39.84
N ILE C 107 -14.18 2.07 -40.71
CA ILE C 107 -14.60 0.75 -41.15
C ILE C 107 -14.03 0.51 -42.53
N GLU C 108 -13.31 -0.60 -42.69
CA GLU C 108 -12.68 -0.95 -43.96
C GLU C 108 -12.29 -2.41 -43.90
N GLY C 109 -11.73 -2.90 -45.01
CA GLY C 109 -11.14 -4.22 -45.03
C GLY C 109 -12.11 -5.35 -44.76
N VAL C 110 -13.41 -5.11 -44.92
CA VAL C 110 -14.41 -6.15 -44.76
C VAL C 110 -15.14 -6.45 -46.06
N ASP C 111 -14.87 -5.70 -47.12
CA ASP C 111 -15.60 -5.80 -48.39
C ASP C 111 -15.49 -7.16 -49.06
N LYS C 112 -14.60 -8.03 -48.60
CA LYS C 112 -14.41 -9.33 -49.23
C LYS C 112 -15.07 -10.48 -48.46
N LEU C 113 -15.59 -10.22 -47.26
CA LEU C 113 -16.20 -11.28 -46.44
C LEU C 113 -17.70 -11.34 -46.70
N THR C 114 -18.03 -11.88 -47.87
CA THR C 114 -19.40 -11.76 -48.38
C THR C 114 -20.39 -12.58 -47.57
N ARG C 115 -19.94 -13.64 -46.91
CA ARG C 115 -20.83 -14.50 -46.13
C ARG C 115 -20.95 -14.05 -44.68
N LEU C 116 -20.54 -12.82 -44.37
CA LEU C 116 -20.68 -12.28 -43.02
C LEU C 116 -22.15 -12.16 -42.65
N LYS C 117 -22.52 -12.78 -41.53
CA LYS C 117 -23.88 -12.71 -41.01
C LYS C 117 -24.01 -11.79 -39.81
N LYS C 118 -23.07 -11.82 -38.88
CA LYS C 118 -23.04 -10.91 -37.75
C LYS C 118 -21.71 -10.17 -37.72
N LEU C 119 -21.76 -8.87 -37.44
CA LEU C 119 -20.56 -8.06 -37.35
C LEU C 119 -20.68 -7.15 -36.14
N PHE C 120 -19.80 -7.34 -35.15
CA PHE C 120 -19.79 -6.54 -33.94
C PHE C 120 -18.61 -5.59 -33.99
N LEU C 121 -18.89 -4.29 -33.95
CA LEU C 121 -17.87 -3.27 -33.79
C LEU C 121 -18.23 -2.37 -32.62
N VAL C 122 -18.53 -3.01 -31.50
CA VAL C 122 -19.04 -2.31 -30.33
C VAL C 122 -17.92 -1.56 -29.65
N ASN C 123 -18.20 -0.32 -29.23
CA ASN C 123 -17.32 0.47 -28.39
C ASN C 123 -15.94 0.64 -29.04
N ASN C 124 -15.96 1.36 -30.16
CA ASN C 124 -14.75 1.85 -30.80
C ASN C 124 -14.83 3.36 -30.90
N LYS C 125 -14.14 3.95 -31.88
CA LYS C 125 -14.22 5.39 -32.10
C LYS C 125 -14.72 5.67 -33.51
N ILE C 126 -15.53 4.77 -34.06
CA ILE C 126 -16.04 4.91 -35.41
C ILE C 126 -16.98 6.10 -35.49
N SER C 127 -16.84 6.89 -36.57
CA SER C 127 -17.60 8.11 -36.74
C SER C 127 -18.53 8.08 -37.94
N LYS C 128 -18.40 7.11 -38.84
CA LYS C 128 -19.21 7.12 -40.05
C LYS C 128 -19.44 5.69 -40.50
N ILE C 129 -20.62 5.45 -41.07
CA ILE C 129 -20.99 4.15 -41.61
C ILE C 129 -20.59 4.11 -43.08
N GLU C 130 -19.61 3.26 -43.42
CA GLU C 130 -19.17 3.09 -44.79
C GLU C 130 -18.71 1.65 -44.98
N ASN C 131 -18.41 1.31 -46.24
CA ASN C 131 -17.66 0.10 -46.60
C ASN C 131 -18.37 -1.19 -46.18
N LEU C 132 -19.68 -1.17 -46.01
CA LEU C 132 -20.41 -2.40 -45.74
C LEU C 132 -21.33 -2.78 -46.88
N SER C 133 -21.19 -2.13 -48.05
CA SER C 133 -22.13 -2.30 -49.14
C SER C 133 -22.13 -3.71 -49.71
N ASN C 134 -21.08 -4.49 -49.47
CA ASN C 134 -20.92 -5.78 -50.13
C ASN C 134 -21.33 -6.95 -49.24
N LEU C 135 -21.89 -6.67 -48.05
CA LEU C 135 -22.24 -7.71 -47.09
C LEU C 135 -23.74 -7.97 -47.14
N HIS C 136 -24.17 -8.53 -48.27
CA HIS C 136 -25.59 -8.64 -48.57
C HIS C 136 -26.32 -9.60 -47.63
N GLN C 137 -25.61 -10.55 -47.06
CA GLN C 137 -26.22 -11.54 -46.16
C GLN C 137 -26.15 -11.14 -44.69
N LEU C 138 -25.66 -9.93 -44.38
CA LEU C 138 -25.51 -9.50 -43.00
C LEU C 138 -26.87 -9.44 -42.31
N GLN C 139 -27.03 -10.22 -41.24
CA GLN C 139 -28.26 -10.29 -40.46
C GLN C 139 -28.25 -9.38 -39.24
N MET C 140 -27.07 -9.05 -38.71
CA MET C 140 -26.98 -8.19 -37.54
C MET C 140 -25.77 -7.28 -37.64
N LEU C 141 -26.00 -5.98 -37.49
CA LEU C 141 -24.95 -4.99 -37.47
C LEU C 141 -24.93 -4.30 -36.11
N GLU C 142 -23.78 -4.32 -35.44
CA GLU C 142 -23.65 -3.77 -34.09
C GLU C 142 -22.62 -2.65 -34.11
N LEU C 143 -23.09 -1.41 -34.01
CA LEU C 143 -22.22 -0.24 -33.96
C LEU C 143 -22.48 0.58 -32.72
N GLY C 144 -22.81 -0.09 -31.62
CA GLY C 144 -23.11 0.61 -30.39
C GLY C 144 -21.87 1.21 -29.76
N SER C 145 -22.09 2.32 -29.05
CA SER C 145 -21.05 3.03 -28.30
C SER C 145 -19.91 3.48 -29.23
N ASN C 146 -20.26 4.43 -30.09
CA ASN C 146 -19.31 5.01 -31.03
C ASN C 146 -19.57 6.51 -31.10
N ARG C 147 -19.16 7.12 -32.21
CA ARG C 147 -19.31 8.56 -32.45
C ARG C 147 -20.03 8.80 -33.77
N ILE C 148 -20.88 7.86 -34.18
CA ILE C 148 -21.63 7.99 -35.42
C ILE C 148 -22.66 9.11 -35.27
N ARG C 149 -22.85 9.89 -36.34
CA ARG C 149 -23.77 11.02 -36.30
C ARG C 149 -24.95 10.90 -37.24
N ALA C 150 -24.98 9.91 -38.12
CA ALA C 150 -26.09 9.76 -39.04
C ALA C 150 -26.16 8.31 -39.52
N ILE C 151 -27.33 7.94 -40.03
CA ILE C 151 -27.56 6.63 -40.61
C ILE C 151 -27.46 6.75 -42.12
N GLU C 152 -26.51 6.03 -42.71
CA GLU C 152 -26.23 6.09 -44.15
C GLU C 152 -25.72 4.72 -44.60
N ASN C 153 -25.75 4.53 -45.92
CA ASN C 153 -24.95 3.48 -46.57
C ASN C 153 -25.30 2.08 -46.08
N ILE C 154 -26.58 1.83 -45.81
CA ILE C 154 -26.98 0.49 -45.43
C ILE C 154 -28.20 0.06 -46.24
N ASP C 155 -28.58 0.87 -47.23
CA ASP C 155 -29.63 0.48 -48.17
C ASP C 155 -29.35 -0.88 -48.80
N THR C 156 -28.08 -1.25 -48.95
CA THR C 156 -27.72 -2.51 -49.61
C THR C 156 -27.88 -3.74 -48.72
N LEU C 157 -28.08 -3.56 -47.41
CA LEU C 157 -28.12 -4.69 -46.47
C LEU C 157 -29.56 -5.17 -46.30
N THR C 158 -30.07 -5.87 -47.32
CA THR C 158 -31.48 -6.23 -47.35
C THR C 158 -31.84 -7.25 -46.26
N ASN C 159 -30.91 -8.12 -45.90
CA ASN C 159 -31.20 -9.18 -44.94
C ASN C 159 -30.99 -8.76 -43.50
N LEU C 160 -30.68 -7.48 -43.26
CA LEU C 160 -30.48 -7.00 -41.91
C LEU C 160 -31.72 -7.25 -41.07
N GLU C 161 -31.53 -7.92 -39.93
CA GLU C 161 -32.62 -8.15 -38.99
C GLU C 161 -32.47 -7.40 -37.68
N SER C 162 -31.25 -7.07 -37.27
CA SER C 162 -31.00 -6.35 -36.02
C SER C 162 -30.02 -5.23 -36.29
N LEU C 163 -30.41 -4.00 -35.98
CA LEU C 163 -29.54 -2.84 -36.14
C LEU C 163 -29.37 -2.17 -34.79
N PHE C 164 -28.14 -2.12 -34.30
CA PHE C 164 -27.82 -1.58 -32.99
C PHE C 164 -26.96 -0.34 -33.14
N LEU C 165 -27.53 0.82 -32.85
CA LEU C 165 -26.80 2.08 -32.95
C LEU C 165 -26.89 2.88 -31.65
N GLY C 166 -27.19 2.22 -30.53
CA GLY C 166 -27.30 2.94 -29.27
C GLY C 166 -25.97 3.56 -28.85
N LYS C 167 -26.09 4.60 -28.04
CA LYS C 167 -24.92 5.32 -27.52
C LYS C 167 -24.07 5.87 -28.67
N ASN C 168 -24.67 6.79 -29.42
CA ASN C 168 -24.02 7.46 -30.53
C ASN C 168 -24.44 8.93 -30.49
N LYS C 169 -24.18 9.65 -31.57
CA LYS C 169 -24.55 11.05 -31.68
C LYS C 169 -25.53 11.28 -32.83
N ILE C 170 -26.29 10.24 -33.17
CA ILE C 170 -27.27 10.32 -34.25
C ILE C 170 -28.36 11.32 -33.89
N THR C 171 -28.75 12.14 -34.88
CA THR C 171 -29.69 13.23 -34.67
C THR C 171 -30.98 13.11 -35.48
N LYS C 172 -31.13 12.09 -36.32
CA LYS C 172 -32.35 11.92 -37.09
C LYS C 172 -32.46 10.48 -37.56
N LEU C 173 -33.69 9.97 -37.57
CA LEU C 173 -34.00 8.66 -38.11
C LEU C 173 -34.31 8.83 -39.60
N GLN C 174 -33.58 8.13 -40.46
CA GLN C 174 -33.81 8.35 -41.89
C GLN C 174 -33.57 7.16 -42.81
N ASN C 175 -32.38 7.07 -43.41
CA ASN C 175 -32.03 6.04 -44.37
C ASN C 175 -32.30 4.60 -43.93
N LEU C 176 -33.47 4.32 -43.38
CA LEU C 176 -33.85 2.98 -42.96
C LEU C 176 -34.82 2.30 -43.93
N ASP C 177 -35.24 2.98 -45.01
CA ASP C 177 -36.38 2.56 -45.82
C ASP C 177 -36.16 1.24 -46.55
N ALA C 178 -34.93 0.80 -46.72
CA ALA C 178 -34.66 -0.41 -47.46
C ALA C 178 -34.75 -1.68 -46.62
N LEU C 179 -34.65 -1.57 -45.30
CA LEU C 179 -34.51 -2.74 -44.42
C LEU C 179 -35.88 -3.32 -44.08
N THR C 180 -36.58 -3.83 -45.10
CA THR C 180 -37.96 -4.27 -44.88
C THR C 180 -38.03 -5.52 -44.02
N ASN C 181 -36.94 -6.26 -43.89
CA ASN C 181 -36.90 -7.44 -43.05
C ASN C 181 -36.42 -7.16 -41.63
N LEU C 182 -36.10 -5.90 -41.34
CA LEU C 182 -35.57 -5.54 -40.03
C LEU C 182 -36.64 -5.76 -38.97
N THR C 183 -36.27 -6.45 -37.89
CA THR C 183 -37.21 -6.76 -36.83
C THR C 183 -36.85 -6.14 -35.49
N VAL C 184 -35.62 -5.68 -35.29
CA VAL C 184 -35.18 -5.09 -34.03
C VAL C 184 -34.36 -3.85 -34.35
N LEU C 185 -34.78 -2.70 -33.82
CA LEU C 185 -34.06 -1.44 -34.01
C LEU C 185 -33.73 -0.87 -32.64
N SER C 186 -32.44 -0.79 -32.32
CA SER C 186 -31.99 -0.24 -31.04
C SER C 186 -31.32 1.10 -31.27
N MET C 187 -31.93 2.16 -30.73
CA MET C 187 -31.45 3.52 -30.93
C MET C 187 -31.42 4.31 -29.63
N GLN C 188 -31.26 3.62 -28.50
CA GLN C 188 -31.27 4.31 -27.23
C GLN C 188 -30.04 5.20 -27.11
N SER C 189 -30.14 6.20 -26.24
CA SER C 189 -29.01 7.07 -25.89
C SER C 189 -28.39 7.70 -27.14
N ASN C 190 -29.19 8.54 -27.78
CA ASN C 190 -28.73 9.29 -28.93
C ASN C 190 -29.20 10.73 -28.80
N ARG C 191 -29.36 11.41 -29.93
CA ARG C 191 -29.78 12.81 -29.94
C ARG C 191 -31.02 13.00 -30.81
N LEU C 192 -31.89 11.98 -30.85
CA LEU C 192 -33.13 12.06 -31.60
C LEU C 192 -34.09 13.04 -30.97
N THR C 193 -34.92 13.66 -31.81
CA THR C 193 -35.94 14.59 -31.36
C THR C 193 -37.30 14.36 -31.98
N LYS C 194 -37.42 13.41 -32.91
CA LYS C 194 -38.68 13.17 -33.58
C LYS C 194 -38.71 11.74 -34.09
N ILE C 195 -39.84 11.07 -33.89
CA ILE C 195 -40.01 9.72 -34.44
C ILE C 195 -40.48 9.85 -35.89
N GLU C 196 -39.66 9.37 -36.81
CA GLU C 196 -39.94 9.51 -38.24
C GLU C 196 -39.12 8.47 -38.99
N GLY C 197 -39.45 8.28 -40.25
CA GLY C 197 -38.61 7.43 -41.08
C GLY C 197 -38.75 5.95 -40.84
N LEU C 198 -39.84 5.52 -40.21
CA LEU C 198 -40.05 4.10 -39.94
C LEU C 198 -41.12 3.51 -40.85
N GLN C 199 -41.56 4.26 -41.86
CA GLN C 199 -42.72 3.91 -42.67
C GLN C 199 -42.59 2.56 -43.34
N ASN C 200 -41.36 2.17 -43.69
CA ASN C 200 -41.15 0.92 -44.43
C ASN C 200 -40.83 -0.27 -43.53
N LEU C 201 -40.48 -0.06 -42.26
CA LEU C 201 -40.15 -1.19 -41.38
C LEU C 201 -41.46 -1.84 -40.95
N VAL C 202 -42.05 -2.59 -41.88
CA VAL C 202 -43.37 -3.16 -41.64
C VAL C 202 -43.28 -4.38 -40.74
N ASN C 203 -42.15 -5.07 -40.74
CA ASN C 203 -41.96 -6.22 -39.87
C ASN C 203 -41.28 -5.84 -38.56
N LEU C 204 -41.16 -4.56 -38.25
CA LEU C 204 -40.47 -4.16 -37.02
C LEU C 204 -41.21 -4.70 -35.81
N ARG C 205 -40.47 -5.33 -34.91
CA ARG C 205 -41.07 -5.97 -33.75
C ARG C 205 -40.61 -5.39 -32.43
N GLU C 206 -39.42 -4.81 -32.37
CA GLU C 206 -38.89 -4.23 -31.14
C GLU C 206 -38.29 -2.89 -31.49
N LEU C 207 -38.74 -1.83 -30.81
CA LEU C 207 -38.27 -0.49 -31.08
C LEU C 207 -37.84 0.16 -29.76
N TYR C 208 -36.54 0.44 -29.64
CA TYR C 208 -35.97 1.04 -28.44
C TYR C 208 -35.47 2.44 -28.77
N LEU C 209 -36.09 3.46 -28.16
CA LEU C 209 -35.69 4.84 -28.35
C LEU C 209 -35.57 5.58 -27.03
N SER C 210 -35.15 4.88 -25.98
CA SER C 210 -35.04 5.52 -24.68
C SER C 210 -33.82 6.43 -24.63
N HIS C 211 -33.88 7.43 -23.74
CA HIS C 211 -32.81 8.40 -23.52
C HIS C 211 -32.49 9.16 -24.82
N ASN C 212 -33.49 9.95 -25.22
CA ASN C 212 -33.41 10.81 -26.39
C ASN C 212 -34.16 12.09 -26.05
N GLY C 213 -34.55 12.85 -27.05
CA GLY C 213 -35.27 14.09 -26.83
C GLY C 213 -36.64 14.12 -27.48
N ILE C 214 -37.24 12.95 -27.67
CA ILE C 214 -38.56 12.87 -28.30
C ILE C 214 -39.62 13.46 -27.40
N GLU C 215 -40.53 14.25 -27.99
CA GLU C 215 -41.64 14.87 -27.27
C GLU C 215 -43.01 14.34 -27.66
N VAL C 216 -43.14 13.69 -28.82
CA VAL C 216 -44.43 13.26 -29.34
C VAL C 216 -44.31 11.84 -29.86
N ILE C 217 -45.31 11.01 -29.55
CA ILE C 217 -45.42 9.68 -30.12
C ILE C 217 -46.16 9.79 -31.44
N GLU C 218 -45.49 9.39 -32.52
CA GLU C 218 -46.04 9.50 -33.87
C GLU C 218 -45.17 8.65 -34.79
N GLY C 219 -45.54 8.58 -36.06
CA GLY C 219 -44.73 7.91 -37.05
C GLY C 219 -44.66 6.41 -36.91
N LEU C 220 -45.60 5.79 -36.22
CA LEU C 220 -45.64 4.35 -36.03
C LEU C 220 -46.81 3.71 -36.78
N GLU C 221 -47.31 4.36 -37.83
CA GLU C 221 -48.55 3.94 -38.47
C GLU C 221 -48.42 2.56 -39.11
N ASN C 222 -47.21 2.17 -39.55
CA ASN C 222 -47.04 0.94 -40.32
C ASN C 222 -46.43 -0.19 -39.52
N ASN C 223 -46.06 0.04 -38.26
CA ASN C 223 -45.33 -0.97 -37.49
C ASN C 223 -46.27 -1.86 -36.66
N ASN C 224 -47.34 -2.33 -37.30
CA ASN C 224 -48.39 -3.09 -36.62
C ASN C 224 -47.84 -4.29 -35.84
N LYS C 225 -46.75 -4.91 -36.30
CA LYS C 225 -46.27 -6.13 -35.66
C LYS C 225 -45.39 -5.85 -34.46
N LEU C 226 -45.30 -4.60 -34.01
CA LEU C 226 -44.51 -4.27 -32.83
C LEU C 226 -45.02 -4.98 -31.59
N THR C 227 -44.14 -5.69 -30.89
CA THR C 227 -44.49 -6.29 -29.61
C THR C 227 -43.77 -5.64 -28.44
N MET C 228 -42.73 -4.85 -28.70
CA MET C 228 -41.87 -4.28 -27.66
C MET C 228 -41.54 -2.86 -28.08
N LEU C 229 -42.05 -1.87 -27.34
CA LEU C 229 -41.83 -0.46 -27.67
C LEU C 229 -41.37 0.28 -26.43
N ASP C 230 -40.25 1.01 -26.56
CA ASP C 230 -39.56 1.64 -25.43
C ASP C 230 -39.25 3.08 -25.81
N ILE C 231 -39.93 4.04 -25.19
CA ILE C 231 -39.64 5.44 -25.42
C ILE C 231 -39.39 6.11 -24.08
N ALA C 232 -38.91 5.33 -23.12
CA ALA C 232 -38.69 5.84 -21.78
C ALA C 232 -37.57 6.88 -21.77
N SER C 233 -37.52 7.65 -20.70
CA SER C 233 -36.49 8.66 -20.50
C SER C 233 -36.43 9.63 -21.67
N ASN C 234 -37.60 10.21 -21.99
CA ASN C 234 -37.68 11.29 -22.95
C ASN C 234 -38.45 12.45 -22.34
N ARG C 235 -39.14 13.23 -23.17
CA ARG C 235 -39.93 14.36 -22.69
C ARG C 235 -41.33 14.32 -23.30
N ILE C 236 -41.93 13.14 -23.27
CA ILE C 236 -43.24 12.90 -23.88
C ILE C 236 -44.33 13.22 -22.87
N LYS C 237 -45.32 13.99 -23.30
CA LYS C 237 -46.41 14.45 -22.45
C LYS C 237 -47.68 13.63 -22.61
N LYS C 238 -47.85 12.91 -23.71
CA LYS C 238 -49.13 12.29 -23.97
C LYS C 238 -48.93 11.01 -24.76
N ILE C 239 -49.70 9.98 -24.44
CA ILE C 239 -49.70 8.73 -25.19
C ILE C 239 -50.71 8.84 -26.32
N GLU C 240 -50.25 8.74 -27.56
CA GLU C 240 -51.12 8.85 -28.73
C GLU C 240 -50.66 7.86 -29.77
N ASN C 241 -51.53 7.65 -30.76
CA ASN C 241 -51.14 7.09 -32.05
C ASN C 241 -50.56 5.69 -31.92
N ILE C 242 -50.97 4.93 -30.91
CA ILE C 242 -50.52 3.55 -30.78
C ILE C 242 -51.72 2.62 -30.56
N SER C 243 -52.93 3.15 -30.77
CA SER C 243 -54.13 2.34 -30.63
C SER C 243 -54.17 1.20 -31.65
N HIS C 244 -53.47 1.35 -32.77
CA HIS C 244 -53.42 0.27 -33.76
C HIS C 244 -52.40 -0.80 -33.41
N LEU C 245 -51.46 -0.50 -32.50
CA LEU C 245 -50.45 -1.48 -32.12
C LEU C 245 -51.04 -2.54 -31.19
N THR C 246 -51.89 -3.40 -31.73
CA THR C 246 -52.63 -4.38 -30.95
C THR C 246 -51.78 -5.60 -30.56
N GLU C 247 -50.51 -5.66 -30.97
CA GLU C 247 -49.66 -6.79 -30.63
C GLU C 247 -48.68 -6.48 -29.52
N LEU C 248 -48.79 -5.30 -28.90
CA LEU C 248 -47.83 -4.86 -27.89
C LEU C 248 -47.80 -5.82 -26.70
N GLN C 249 -46.60 -6.23 -26.31
CA GLN C 249 -46.41 -7.03 -25.12
C GLN C 249 -45.68 -6.30 -24.00
N GLU C 250 -44.77 -5.39 -24.34
CA GLU C 250 -44.05 -4.58 -23.36
C GLU C 250 -44.08 -3.12 -23.81
N PHE C 251 -44.45 -2.23 -22.89
CA PHE C 251 -44.49 -0.79 -23.14
C PHE C 251 -43.66 -0.11 -22.06
N TRP C 252 -42.47 0.37 -22.43
CA TRP C 252 -41.57 1.00 -21.47
C TRP C 252 -41.65 2.52 -21.63
N MET C 253 -42.16 3.21 -20.60
CA MET C 253 -42.36 4.64 -20.71
C MET C 253 -42.02 5.39 -19.42
N ASN C 254 -41.18 4.80 -18.58
CA ASN C 254 -40.76 5.48 -17.36
C ASN C 254 -40.05 6.79 -17.69
N ASP C 255 -40.03 7.70 -16.72
CA ASP C 255 -39.23 8.93 -16.79
C ASP C 255 -39.65 9.80 -17.99
N ASN C 256 -40.94 10.08 -18.06
CA ASN C 256 -41.46 11.00 -19.06
C ASN C 256 -42.32 12.02 -18.32
N LEU C 257 -43.25 12.66 -19.03
CA LEU C 257 -44.07 13.70 -18.43
C LEU C 257 -45.56 13.41 -18.55
N LEU C 258 -45.94 12.14 -18.56
CA LEU C 258 -47.34 11.78 -18.72
C LEU C 258 -48.14 12.16 -17.49
N GLU C 259 -49.29 12.80 -17.71
CA GLU C 259 -50.11 13.30 -16.62
C GLU C 259 -51.55 12.84 -16.63
N SER C 260 -52.09 12.35 -17.75
CA SER C 260 -53.50 12.03 -17.88
C SER C 260 -53.69 10.52 -17.88
N TRP C 261 -54.50 10.03 -16.94
CA TRP C 261 -54.86 8.61 -16.93
C TRP C 261 -55.68 8.19 -18.16
N SER C 262 -56.39 9.11 -18.81
CA SER C 262 -57.17 8.73 -19.99
C SER C 262 -56.29 8.32 -21.15
N ASP C 263 -55.01 8.70 -21.15
CA ASP C 263 -54.12 8.28 -22.23
C ASP C 263 -54.02 6.77 -22.33
N LEU C 264 -54.21 6.06 -21.20
CA LEU C 264 -54.13 4.60 -21.22
C LEU C 264 -55.24 3.96 -22.04
N ASP C 265 -56.21 4.75 -22.50
CA ASP C 265 -57.19 4.20 -23.42
C ASP C 265 -56.53 3.75 -24.72
N GLU C 266 -55.40 4.38 -25.05
CA GLU C 266 -54.71 4.07 -26.30
C GLU C 266 -54.20 2.63 -26.31
N LEU C 267 -54.00 2.01 -25.14
CA LEU C 267 -53.43 0.68 -25.06
C LEU C 267 -54.45 -0.44 -24.88
N LYS C 268 -55.75 -0.12 -24.87
CA LYS C 268 -56.74 -1.16 -24.58
C LYS C 268 -56.88 -2.18 -25.70
N GLY C 269 -56.46 -1.85 -26.92
CA GLY C 269 -56.48 -2.82 -28.00
C GLY C 269 -55.43 -3.90 -27.88
N ALA C 270 -54.39 -3.67 -27.07
CA ALA C 270 -53.32 -4.65 -26.87
C ALA C 270 -53.75 -5.66 -25.81
N ARG C 271 -54.37 -6.74 -26.25
CA ARG C 271 -54.94 -7.72 -25.34
C ARG C 271 -53.89 -8.67 -24.76
N SER C 272 -52.66 -8.60 -25.24
CA SER C 272 -51.58 -9.38 -24.66
C SER C 272 -50.52 -8.49 -24.02
N LEU C 273 -50.87 -7.25 -23.72
CA LEU C 273 -49.96 -6.35 -23.01
C LEU C 273 -49.72 -6.87 -21.61
N GLU C 274 -48.46 -7.16 -21.29
CA GLU C 274 -48.09 -7.78 -20.04
C GLU C 274 -47.32 -6.86 -19.11
N THR C 275 -46.42 -6.04 -19.66
CA THR C 275 -45.58 -5.15 -18.87
C THR C 275 -45.71 -3.72 -19.35
N VAL C 276 -45.84 -2.79 -18.40
CA VAL C 276 -45.77 -1.36 -18.66
C VAL C 276 -44.84 -0.74 -17.63
N TYR C 277 -43.99 0.18 -18.08
CA TYR C 277 -43.17 0.99 -17.19
C TYR C 277 -43.69 2.42 -17.26
N LEU C 278 -44.14 2.95 -16.13
CA LEU C 278 -44.69 4.29 -16.05
C LEU C 278 -44.15 5.09 -14.86
N GLU C 279 -43.23 4.51 -14.07
CA GLU C 279 -42.77 5.19 -12.86
C GLU C 279 -42.03 6.48 -13.21
N ARG C 280 -41.96 7.36 -12.22
CA ARG C 280 -41.30 8.66 -12.36
C ARG C 280 -41.91 9.48 -13.50
N ASN C 281 -43.16 9.23 -13.80
CA ASN C 281 -44.03 10.15 -14.51
C ASN C 281 -44.88 10.90 -13.50
N PRO C 282 -45.46 12.04 -13.89
CA PRO C 282 -46.42 12.69 -12.99
C PRO C 282 -47.53 11.76 -12.54
N LEU C 283 -47.91 10.79 -13.38
CA LEU C 283 -48.92 9.80 -13.03
C LEU C 283 -48.65 9.14 -11.69
N GLN C 284 -47.38 8.87 -11.39
CA GLN C 284 -47.08 8.15 -10.16
C GLN C 284 -47.32 8.97 -8.90
N LYS C 285 -47.55 10.28 -9.01
CA LYS C 285 -47.95 11.05 -7.84
C LYS C 285 -49.31 10.63 -7.32
N ASP C 286 -50.12 10.02 -8.18
CA ASP C 286 -51.43 9.52 -7.80
C ASP C 286 -51.28 8.41 -6.76
N PRO C 287 -51.88 8.54 -5.58
CA PRO C 287 -51.80 7.44 -4.60
C PRO C 287 -52.51 6.16 -5.04
N GLN C 288 -53.25 6.16 -6.15
CA GLN C 288 -53.86 4.97 -6.72
C GLN C 288 -53.17 4.57 -8.03
N TYR C 289 -51.88 4.91 -8.17
CA TYR C 289 -51.17 4.71 -9.42
C TYR C 289 -51.24 3.25 -9.88
N ARG C 290 -50.78 2.31 -9.04
CA ARG C 290 -50.82 0.91 -9.44
C ARG C 290 -52.24 0.42 -9.65
N ARG C 291 -53.18 0.88 -8.81
CA ARG C 291 -54.58 0.48 -8.97
C ARG C 291 -55.13 0.95 -10.31
N LYS C 292 -54.86 2.21 -10.67
CA LYS C 292 -55.40 2.75 -11.92
C LYS C 292 -54.81 2.03 -13.13
N VAL C 293 -53.53 1.66 -13.08
CA VAL C 293 -52.95 0.90 -14.18
C VAL C 293 -53.67 -0.42 -14.36
N MET C 294 -53.92 -1.12 -13.26
CA MET C 294 -54.60 -2.42 -13.32
C MET C 294 -56.02 -2.28 -13.86
N LEU C 295 -56.72 -1.21 -13.48
CA LEU C 295 -58.09 -1.01 -13.96
C LEU C 295 -58.10 -0.72 -15.45
N ALA C 296 -57.16 0.10 -15.93
CA ALA C 296 -57.15 0.47 -17.35
C ALA C 296 -56.69 -0.69 -18.23
N LEU C 297 -55.70 -1.46 -17.75
CA LEU C 297 -55.05 -2.50 -18.55
C LEU C 297 -55.13 -3.81 -17.77
N PRO C 298 -56.30 -4.45 -17.74
CA PRO C 298 -56.44 -5.68 -16.93
C PRO C 298 -55.58 -6.84 -17.39
N SER C 299 -55.00 -6.81 -18.59
CA SER C 299 -54.14 -7.93 -18.98
C SER C 299 -52.72 -7.80 -18.44
N VAL C 300 -52.36 -6.63 -17.90
CA VAL C 300 -50.98 -6.38 -17.50
C VAL C 300 -50.65 -7.19 -16.25
N ARG C 301 -49.48 -7.84 -16.26
CA ARG C 301 -48.99 -8.61 -15.12
C ARG C 301 -47.78 -7.98 -14.44
N GLN C 302 -47.10 -7.03 -15.08
CA GLN C 302 -45.94 -6.38 -14.50
C GLN C 302 -46.06 -4.87 -14.66
N ILE C 303 -45.98 -4.14 -13.55
CA ILE C 303 -45.98 -2.69 -13.56
C ILE C 303 -44.65 -2.23 -12.99
N ASP C 304 -43.84 -1.58 -13.82
CA ASP C 304 -42.47 -1.21 -13.47
C ASP C 304 -41.76 -2.51 -13.10
N ALA C 305 -41.08 -2.58 -11.94
CA ALA C 305 -40.27 -3.73 -11.56
C ALA C 305 -41.09 -4.87 -10.98
N THR C 306 -42.30 -4.58 -10.51
CA THR C 306 -43.04 -5.48 -9.63
C THR C 306 -44.22 -6.12 -10.36
N PHE C 307 -44.53 -7.37 -9.99
CA PHE C 307 -45.67 -8.07 -10.57
C PHE C 307 -46.98 -7.61 -9.94
N VAL C 308 -48.07 -7.76 -10.69
CA VAL C 308 -49.40 -7.47 -10.15
C VAL C 308 -49.82 -8.68 -9.33
N ARG C 309 -50.23 -8.42 -8.08
CA ARG C 309 -50.31 -9.47 -7.07
C ARG C 309 -51.70 -10.06 -6.89
N PHE C 310 -52.75 -9.47 -7.48
CA PHE C 310 -54.14 -9.88 -7.28
C PHE C 310 -54.61 -9.61 -5.85
N ARG D 26 2.44 25.93 35.63
CA ARG D 26 2.81 27.33 35.51
C ARG D 26 4.01 27.67 36.38
N ASP D 27 4.09 27.00 37.54
CA ASP D 27 5.20 27.16 38.49
C ASP D 27 5.76 25.76 38.76
N ALA D 28 6.79 25.38 38.01
CA ALA D 28 7.42 24.08 38.16
C ALA D 28 8.93 24.22 38.11
N GLU D 29 9.62 23.41 38.91
CA GLU D 29 11.08 23.39 38.90
C GLU D 29 11.62 22.59 37.71
N ASP D 30 10.87 21.60 37.24
CA ASP D 30 11.22 20.81 36.06
C ASP D 30 10.04 20.81 35.11
N VAL D 31 10.31 21.08 33.83
CA VAL D 31 9.29 21.08 32.79
C VAL D 31 9.80 20.25 31.62
N ASP D 32 8.97 19.33 31.13
CA ASP D 32 9.39 18.32 30.17
C ASP D 32 8.40 18.24 29.01
N LEU D 33 8.87 18.56 27.80
CA LEU D 33 8.05 18.45 26.59
C LEU D 33 8.62 17.54 25.50
N ASN D 34 8.81 16.25 25.77
CA ASN D 34 9.30 15.34 24.74
C ASN D 34 8.20 15.04 23.72
N HIS D 35 8.46 15.36 22.46
CA HIS D 35 7.52 15.09 21.36
C HIS D 35 6.13 15.65 21.68
N TYR D 36 6.04 16.97 21.71
CA TYR D 36 4.78 17.65 21.96
C TYR D 36 4.39 18.55 20.80
N ARG D 37 4.81 18.18 19.59
CA ARG D 37 4.41 18.82 18.34
C ARG D 37 4.96 20.23 18.20
N ILE D 38 5.55 20.79 19.27
CA ILE D 38 5.94 22.20 19.24
C ILE D 38 6.91 22.43 18.09
N GLY D 39 6.57 23.39 17.23
CA GLY D 39 7.39 23.75 16.08
C GLY D 39 8.03 25.12 16.23
N LYS D 40 7.73 25.80 17.33
CA LYS D 40 8.23 27.14 17.58
C LYS D 40 8.23 27.40 19.08
N ILE D 41 9.27 28.08 19.56
CA ILE D 41 9.34 28.44 20.98
C ILE D 41 8.55 29.72 21.15
N GLU D 42 7.30 29.60 21.63
CA GLU D 42 6.45 30.76 21.82
C GLU D 42 5.65 30.58 23.10
N GLY D 43 5.60 31.64 23.91
CA GLY D 43 4.72 31.65 25.06
C GLY D 43 5.21 30.87 26.24
N PHE D 44 6.53 30.83 26.47
CA PHE D 44 7.09 30.20 27.64
C PHE D 44 7.23 31.16 28.81
N GLU D 45 6.66 32.37 28.68
CA GLU D 45 6.74 33.38 29.72
C GLU D 45 5.89 33.04 30.94
N VAL D 46 4.88 32.18 30.80
CA VAL D 46 4.02 31.84 31.93
C VAL D 46 4.82 31.17 33.05
N LEU D 47 5.84 30.40 32.71
CA LEU D 47 6.69 29.78 33.71
C LEU D 47 7.60 30.83 34.34
N LYS D 48 7.49 31.02 35.66
CA LYS D 48 8.36 32.01 36.30
C LYS D 48 9.73 31.44 36.60
N LYS D 49 9.80 30.43 37.46
CA LYS D 49 11.06 29.93 37.97
C LYS D 49 11.34 28.48 37.59
N VAL D 50 11.13 28.16 36.32
CA VAL D 50 11.56 26.87 35.79
C VAL D 50 13.08 26.80 35.83
N LYS D 51 13.62 25.65 36.23
CA LYS D 51 15.07 25.49 36.27
C LYS D 51 15.60 24.45 35.30
N THR D 52 14.80 23.45 34.90
CA THR D 52 15.21 22.48 33.89
C THR D 52 14.10 22.37 32.85
N LEU D 53 14.43 22.68 31.60
CA LEU D 53 13.48 22.67 30.49
C LEU D 53 13.95 21.68 29.43
N CYS D 54 13.06 20.77 29.02
CA CYS D 54 13.39 19.75 28.04
C CYS D 54 12.49 19.86 26.81
N LEU D 55 13.10 19.95 25.63
CA LEU D 55 12.41 20.08 24.34
C LEU D 55 12.94 19.07 23.33
N ARG D 56 13.21 17.84 23.76
CA ARG D 56 13.77 16.86 22.82
C ARG D 56 12.72 16.41 21.82
N GLN D 57 13.22 15.96 20.66
CA GLN D 57 12.44 15.43 19.55
C GLN D 57 11.13 16.20 19.35
N ASN D 58 11.27 17.52 19.27
CA ASN D 58 10.22 18.42 18.87
C ASN D 58 10.59 18.92 17.46
N LEU D 59 9.99 20.03 17.04
CA LEU D 59 10.21 20.52 15.68
C LEU D 59 10.80 21.93 15.65
N ILE D 60 11.50 22.33 16.72
CA ILE D 60 12.08 23.66 16.79
C ILE D 60 13.05 23.87 15.64
N LYS D 61 12.97 25.02 14.98
CA LYS D 61 13.91 25.41 13.95
C LYS D 61 14.75 26.63 14.33
N CYS D 62 14.46 27.30 15.46
CA CYS D 62 15.22 28.46 15.88
C CYS D 62 15.24 28.55 17.39
N ILE D 63 16.27 29.19 17.92
CA ILE D 63 16.33 29.50 19.35
C ILE D 63 15.79 30.91 19.54
N GLU D 64 14.80 31.05 20.42
CA GLU D 64 14.15 32.33 20.65
C GLU D 64 13.28 32.22 21.89
N ASN D 65 12.78 33.38 22.33
CA ASN D 65 11.79 33.48 23.41
C ASN D 65 12.24 32.73 24.65
N LEU D 66 13.48 32.96 25.05
CA LEU D 66 14.04 32.34 26.25
C LEU D 66 14.64 33.36 27.22
N GLU D 67 14.56 34.65 26.91
CA GLU D 67 15.24 35.71 27.66
C GLU D 67 14.71 35.88 29.08
N GLU D 68 13.60 35.27 29.43
CA GLU D 68 13.02 35.41 30.76
C GLU D 68 13.44 34.33 31.74
N LEU D 69 13.68 33.12 31.23
CA LEU D 69 13.96 31.98 32.09
C LEU D 69 15.37 32.11 32.64
N GLN D 70 15.50 32.98 33.65
CA GLN D 70 16.79 33.29 34.24
C GLN D 70 17.13 32.37 35.40
N SER D 71 16.30 31.36 35.65
CA SER D 71 16.56 30.36 36.69
C SER D 71 17.02 29.04 36.11
N LEU D 72 17.32 28.98 34.81
CA LEU D 72 17.62 27.71 34.16
C LEU D 72 19.05 27.28 34.45
N ARG D 73 19.18 26.05 34.95
CA ARG D 73 20.46 25.37 34.97
C ARG D 73 20.62 24.38 33.81
N GLU D 74 19.54 23.70 33.43
CA GLU D 74 19.58 22.69 32.36
C GLU D 74 18.53 23.03 31.32
N LEU D 75 18.93 23.04 30.05
CA LEU D 75 18.01 23.17 28.92
C LEU D 75 18.41 22.19 27.83
N ASP D 76 17.43 21.48 27.27
CA ASP D 76 17.67 20.32 26.40
C ASP D 76 16.95 20.51 25.07
N LEU D 77 17.71 20.60 23.98
CA LEU D 77 17.17 20.69 22.63
C LEU D 77 17.64 19.53 21.76
N TYR D 78 17.68 18.33 22.34
CA TYR D 78 18.12 17.13 21.65
C TYR D 78 17.16 16.80 20.50
N ASP D 79 17.73 16.57 19.31
CA ASP D 79 16.97 16.18 18.12
C ASP D 79 15.92 17.21 17.72
N ASN D 80 16.37 18.31 17.12
CA ASN D 80 15.46 19.27 16.49
C ASN D 80 16.07 19.68 15.16
N GLN D 81 15.75 20.89 14.69
CA GLN D 81 16.31 21.37 13.43
C GLN D 81 16.96 22.74 13.59
N ILE D 82 17.46 23.05 14.78
CA ILE D 82 18.19 24.30 14.98
C ILE D 82 19.41 24.33 14.08
N LYS D 83 19.62 25.45 13.39
CA LYS D 83 20.72 25.58 12.45
C LYS D 83 21.81 26.54 12.94
N LYS D 84 21.61 27.21 14.07
CA LYS D 84 22.65 28.10 14.60
C LYS D 84 22.34 28.41 16.06
N ILE D 85 23.39 28.53 16.86
CA ILE D 85 23.27 28.86 18.28
C ILE D 85 23.19 30.37 18.42
N GLU D 86 22.17 30.86 19.12
CA GLU D 86 21.95 32.29 19.29
C GLU D 86 20.95 32.47 20.42
N ASN D 87 20.71 33.74 20.79
CA ASN D 87 19.67 34.12 21.73
C ASN D 87 19.80 33.40 23.08
N LEU D 88 21.00 32.92 23.39
CA LEU D 88 21.26 32.25 24.64
C LEU D 88 22.08 33.12 25.60
N GLU D 89 22.46 34.32 25.18
CA GLU D 89 23.33 35.18 25.97
C GLU D 89 22.72 35.55 27.32
N ALA D 90 21.39 35.50 27.43
CA ALA D 90 20.72 35.92 28.66
C ALA D 90 21.02 34.97 29.83
N LEU D 91 20.96 33.66 29.57
CA LEU D 91 20.94 32.64 30.63
C LEU D 91 22.34 32.44 31.21
N THR D 92 22.69 33.23 32.23
CA THR D 92 24.02 33.15 32.82
C THR D 92 24.13 32.14 33.95
N GLU D 93 23.02 31.55 34.39
CA GLU D 93 23.06 30.47 35.37
C GLU D 93 23.07 29.08 34.71
N LEU D 94 23.06 29.02 33.38
CA LEU D 94 23.04 27.75 32.66
C LEU D 94 24.26 26.90 33.00
N GLU D 95 24.01 25.66 33.44
CA GLU D 95 25.07 24.72 33.77
C GLU D 95 25.15 23.53 32.82
N ILE D 96 24.04 23.13 32.19
CA ILE D 96 24.01 21.98 31.28
C ILE D 96 23.22 22.36 30.04
N LEU D 97 23.83 22.20 28.87
CA LEU D 97 23.22 22.53 27.59
C LEU D 97 23.40 21.38 26.62
N ASP D 98 22.32 20.97 25.96
CA ASP D 98 22.32 19.84 25.02
C ASP D 98 21.61 20.28 23.74
N ILE D 99 22.37 20.46 22.66
CA ILE D 99 21.81 20.73 21.34
C ILE D 99 22.26 19.65 20.37
N SER D 100 22.08 18.38 20.75
CA SER D 100 22.55 17.29 19.92
C SER D 100 21.52 16.96 18.83
N PHE D 101 22.01 16.31 17.77
CA PHE D 101 21.19 15.86 16.65
C PHE D 101 20.36 17.01 16.09
N ASN D 102 21.02 18.14 15.86
CA ASN D 102 20.47 19.28 15.17
C ASN D 102 21.23 19.48 13.87
N LEU D 103 21.16 20.68 13.31
CA LEU D 103 21.87 21.00 12.08
C LEU D 103 22.82 22.18 12.27
N LEU D 104 23.55 22.19 13.39
CA LEU D 104 24.55 23.22 13.61
C LEU D 104 25.77 22.97 12.73
N ARG D 105 26.40 24.06 12.29
CA ARG D 105 27.63 23.97 11.51
C ARG D 105 28.82 24.66 12.16
N ASN D 106 28.59 25.57 13.10
CA ASN D 106 29.67 26.29 13.78
C ASN D 106 29.31 26.40 15.25
N ILE D 107 30.33 26.62 16.08
CA ILE D 107 30.16 26.79 17.52
C ILE D 107 30.20 28.28 17.84
N GLU D 108 29.17 28.76 18.51
CA GLU D 108 29.03 30.18 18.84
C GLU D 108 27.95 30.31 19.90
N GLY D 109 27.70 31.55 20.31
CA GLY D 109 26.61 31.84 21.23
C GLY D 109 26.74 31.21 22.59
N VAL D 110 27.94 30.82 22.99
CA VAL D 110 28.18 30.27 24.33
C VAL D 110 29.11 31.15 25.15
N ASP D 111 29.66 32.22 24.58
CA ASP D 111 30.66 33.05 25.24
C ASP D 111 30.16 33.70 26.53
N LYS D 112 28.85 33.69 26.79
CA LYS D 112 28.31 34.32 27.98
C LYS D 112 27.94 33.34 29.08
N LEU D 113 27.94 32.04 28.81
CA LEU D 113 27.49 31.03 29.78
C LEU D 113 28.69 30.53 30.59
N THR D 114 29.15 31.39 31.51
CA THR D 114 30.43 31.12 32.16
C THR D 114 30.36 29.93 33.11
N ARG D 115 29.17 29.61 33.63
CA ARG D 115 29.01 28.52 34.59
C ARG D 115 28.67 27.19 33.94
N LEU D 116 28.85 27.05 32.62
CA LEU D 116 28.57 25.79 31.94
C LEU D 116 29.48 24.68 32.45
N LYS D 117 28.88 23.56 32.86
CA LYS D 117 29.61 22.38 33.32
C LYS D 117 29.62 21.25 32.30
N LYS D 118 28.46 20.93 31.71
CA LYS D 118 28.36 19.89 30.68
C LYS D 118 27.71 20.49 29.45
N LEU D 119 28.24 20.15 28.27
CA LEU D 119 27.73 20.65 27.01
C LEU D 119 27.76 19.54 25.96
N PHE D 120 26.59 19.18 25.44
CA PHE D 120 26.45 18.13 24.43
C PHE D 120 26.17 18.77 23.08
N LEU D 121 27.02 18.52 22.10
CA LEU D 121 26.76 18.89 20.71
C LEU D 121 26.95 17.69 19.78
N VAL D 122 26.26 16.59 20.10
CA VAL D 122 26.43 15.33 19.39
C VAL D 122 25.73 15.39 18.05
N ASN D 123 26.37 14.86 17.01
CA ASN D 123 25.76 14.67 15.70
C ASN D 123 25.22 15.99 15.14
N ASN D 124 26.15 16.89 14.87
CA ASN D 124 25.84 18.09 14.10
C ASN D 124 26.70 18.14 12.84
N LYS D 125 26.95 19.33 12.31
CA LYS D 125 27.81 19.50 11.15
C LYS D 125 28.99 20.41 11.50
N ILE D 126 29.40 20.42 12.78
CA ILE D 126 30.49 21.27 13.23
C ILE D 126 31.79 20.84 12.57
N SER D 127 32.59 21.82 12.13
CA SER D 127 33.83 21.56 11.42
C SER D 127 35.07 22.07 12.15
N LYS D 128 34.91 22.84 13.23
CA LYS D 128 36.05 23.42 13.94
C LYS D 128 35.68 23.62 15.40
N ILE D 129 36.65 23.41 16.30
CA ILE D 129 36.46 23.68 17.71
C ILE D 129 36.90 25.11 17.97
N GLU D 130 35.94 25.98 18.28
CA GLU D 130 36.25 27.38 18.55
C GLU D 130 35.26 27.93 19.56
N ASN D 131 35.54 29.14 20.03
CA ASN D 131 34.60 29.98 20.76
C ASN D 131 34.12 29.35 22.07
N LEU D 132 34.92 28.43 22.62
CA LEU D 132 34.64 27.84 23.93
C LEU D 132 35.68 28.24 24.96
N SER D 133 36.50 29.24 24.67
CA SER D 133 37.60 29.62 25.55
C SER D 133 37.12 30.14 26.90
N ASN D 134 35.85 30.53 27.01
CA ASN D 134 35.34 31.23 28.19
C ASN D 134 34.64 30.30 29.18
N LEU D 135 34.66 29.00 28.95
CA LEU D 135 33.88 28.06 29.76
C LEU D 135 34.79 27.33 30.74
N HIS D 136 35.32 28.10 31.71
CA HIS D 136 36.34 27.56 32.60
C HIS D 136 35.80 26.50 33.54
N GLN D 137 34.49 26.46 33.77
CA GLN D 137 33.89 25.46 34.64
C GLN D 137 33.46 24.20 33.90
N LEU D 138 33.72 24.13 32.60
CA LEU D 138 33.28 22.99 31.79
C LEU D 138 33.96 21.70 32.27
N GLN D 139 33.15 20.75 32.72
CA GLN D 139 33.65 19.45 33.15
C GLN D 139 33.58 18.40 32.06
N MET D 140 32.66 18.56 31.10
CA MET D 140 32.52 17.61 30.01
C MET D 140 32.17 18.33 28.72
N LEU D 141 32.94 18.09 27.68
CA LEU D 141 32.65 18.58 26.34
C LEU D 141 32.48 17.37 25.45
N GLU D 142 31.33 17.27 24.79
CA GLU D 142 31.00 16.13 23.94
C GLU D 142 30.68 16.66 22.55
N LEU D 143 31.58 16.39 21.60
CA LEU D 143 31.44 16.81 20.20
C LEU D 143 31.49 15.62 19.26
N GLY D 144 30.91 14.50 19.68
CA GLY D 144 30.96 13.31 18.85
C GLY D 144 30.10 13.42 17.60
N SER D 145 30.50 12.68 16.57
CA SER D 145 29.77 12.58 15.30
C SER D 145 29.62 13.96 14.65
N ASN D 146 30.76 14.50 14.24
CA ASN D 146 30.79 15.82 13.61
C ASN D 146 31.79 15.78 12.46
N ARG D 147 32.31 16.95 12.09
CA ARG D 147 33.24 17.10 10.97
C ARG D 147 34.54 17.77 11.41
N ILE D 148 34.90 17.61 12.68
CA ILE D 148 36.12 18.20 13.20
C ILE D 148 37.34 17.51 12.61
N ARG D 149 38.38 18.30 12.30
CA ARG D 149 39.59 17.78 11.69
C ARG D 149 40.83 17.97 12.55
N ALA D 150 40.75 18.71 13.67
CA ALA D 150 41.90 18.90 14.52
C ALA D 150 41.43 19.28 15.92
N ILE D 151 42.33 19.09 16.89
CA ILE D 151 42.06 19.46 18.27
C ILE D 151 42.71 20.82 18.53
N GLU D 152 41.90 21.82 18.84
CA GLU D 152 42.38 23.19 19.03
C GLU D 152 41.56 23.89 20.11
N ASN D 153 42.13 24.97 20.62
CA ASN D 153 41.38 26.01 21.31
C ASN D 153 40.62 25.48 22.53
N ILE D 154 41.24 24.56 23.27
CA ILE D 154 40.63 24.05 24.48
C ILE D 154 41.62 24.07 25.64
N ASP D 155 42.80 24.69 25.42
CA ASP D 155 43.76 24.91 26.50
C ASP D 155 43.13 25.58 27.72
N THR D 156 42.13 26.42 27.51
CA THR D 156 41.51 27.20 28.57
C THR D 156 40.58 26.38 29.47
N LEU D 157 40.21 25.17 29.06
CA LEU D 157 39.24 24.36 29.81
C LEU D 157 39.99 23.42 30.76
N THR D 158 40.55 24.02 31.81
CA THR D 158 41.43 23.27 32.71
C THR D 158 40.67 22.23 33.54
N ASN D 159 39.41 22.49 33.85
CA ASN D 159 38.64 21.61 34.71
C ASN D 159 37.96 20.48 33.94
N LEU D 160 38.23 20.37 32.64
CA LEU D 160 37.67 19.32 31.81
C LEU D 160 38.03 17.94 32.36
N GLU D 161 37.00 17.11 32.54
CA GLU D 161 37.21 15.74 33.00
C GLU D 161 36.91 14.69 31.94
N SER D 162 36.03 15.00 30.99
CA SER D 162 35.65 14.06 29.94
C SER D 162 35.62 14.81 28.61
N LEU D 163 36.36 14.31 27.63
CA LEU D 163 36.40 14.87 26.28
C LEU D 163 36.00 13.79 25.29
N PHE D 164 34.93 14.03 24.54
CA PHE D 164 34.38 13.07 23.59
C PHE D 164 34.51 13.64 22.19
N LEU D 165 35.38 13.04 21.37
CA LEU D 165 35.60 13.48 20.00
C LEU D 165 35.45 12.35 19.00
N GLY D 166 34.72 11.30 19.36
CA GLY D 166 34.54 10.19 18.44
C GLY D 166 33.77 10.57 17.19
N LYS D 167 34.01 9.79 16.13
CA LYS D 167 33.33 9.96 14.84
C LYS D 167 33.55 11.37 14.27
N ASN D 168 34.81 11.65 13.96
CA ASN D 168 35.22 12.93 13.39
C ASN D 168 36.24 12.64 12.29
N LYS D 169 36.96 13.66 11.85
CA LYS D 169 38.00 13.52 10.84
C LYS D 169 39.35 13.93 11.41
N ILE D 170 39.52 13.82 12.73
CA ILE D 170 40.78 14.18 13.37
C ILE D 170 41.86 13.21 12.92
N THR D 171 43.04 13.76 12.63
CA THR D 171 44.14 12.97 12.08
C THR D 171 45.38 12.95 12.96
N LYS D 172 45.37 13.66 14.10
CA LYS D 172 46.52 13.68 14.99
C LYS D 172 46.06 14.15 16.36
N LEU D 173 46.68 13.61 17.41
CA LEU D 173 46.42 14.04 18.77
C LEU D 173 47.35 15.19 19.13
N GLN D 174 46.78 16.34 19.47
CA GLN D 174 47.54 17.53 19.79
C GLN D 174 46.70 18.43 20.69
N ASN D 175 47.38 19.37 21.37
CA ASN D 175 46.73 20.42 22.16
C ASN D 175 45.90 19.89 23.33
N LEU D 176 46.31 18.78 23.93
CA LEU D 176 45.69 18.30 25.16
C LEU D 176 46.53 18.60 26.39
N ASP D 177 47.67 19.27 26.21
CA ASP D 177 48.68 19.36 27.28
C ASP D 177 48.18 20.13 28.50
N ALA D 178 47.14 20.94 28.36
CA ALA D 178 46.63 21.73 29.48
C ALA D 178 45.61 20.98 30.32
N LEU D 179 44.99 19.95 29.77
CA LEU D 179 43.83 19.31 30.42
C LEU D 179 44.30 18.25 31.41
N THR D 180 45.04 18.72 32.43
CA THR D 180 45.68 17.81 33.37
C THR D 180 44.69 17.08 34.26
N ASN D 181 43.45 17.55 34.37
CA ASN D 181 42.45 16.87 35.16
C ASN D 181 41.61 15.89 34.35
N LEU D 182 41.89 15.76 33.07
CA LEU D 182 41.11 14.91 32.18
C LEU D 182 41.28 13.43 32.57
N THR D 183 40.15 12.72 32.69
CA THR D 183 40.16 11.33 33.09
C THR D 183 39.62 10.38 32.04
N VAL D 184 38.88 10.87 31.04
CA VAL D 184 38.31 10.02 30.00
C VAL D 184 38.46 10.72 28.67
N LEU D 185 39.10 10.07 27.70
CA LEU D 185 39.25 10.59 26.36
C LEU D 185 38.73 9.57 25.36
N SER D 186 37.68 9.93 24.63
CA SER D 186 37.05 9.07 23.64
C SER D 186 37.43 9.59 22.26
N MET D 187 38.14 8.76 21.48
CA MET D 187 38.62 9.18 20.17
C MET D 187 38.37 8.10 19.11
N GLN D 188 37.37 7.25 19.32
CA GLN D 188 37.11 6.17 18.38
C GLN D 188 36.62 6.75 17.05
N SER D 189 36.80 5.95 15.99
CA SER D 189 36.31 6.28 14.65
C SER D 189 36.84 7.64 14.17
N ASN D 190 38.16 7.71 14.02
CA ASN D 190 38.81 8.91 13.52
C ASN D 190 39.86 8.55 12.48
N ARG D 191 40.88 9.40 12.31
CA ARG D 191 41.94 9.12 11.34
C ARG D 191 43.32 9.18 11.97
N LEU D 192 43.42 8.77 13.24
CA LEU D 192 44.70 8.73 13.92
C LEU D 192 45.59 7.63 13.34
N THR D 193 46.91 7.86 13.39
CA THR D 193 47.88 6.87 12.95
C THR D 193 49.01 6.67 13.95
N LYS D 194 49.06 7.43 15.03
CA LYS D 194 50.14 7.34 15.99
C LYS D 194 49.63 7.87 17.33
N ILE D 195 49.95 7.16 18.39
CA ILE D 195 49.59 7.58 19.74
C ILE D 195 50.65 8.58 20.22
N GLU D 196 50.24 9.82 20.45
CA GLU D 196 51.16 10.88 20.83
C GLU D 196 50.39 11.99 21.51
N GLY D 197 51.13 12.84 22.22
CA GLY D 197 50.54 14.02 22.81
C GLY D 197 49.76 13.80 24.10
N LEU D 198 49.96 12.68 24.79
CA LEU D 198 49.27 12.43 26.05
C LEU D 198 50.18 12.51 27.27
N GLN D 199 51.42 12.98 27.12
CA GLN D 199 52.39 12.94 28.22
C GLN D 199 51.88 13.65 29.47
N ASN D 200 51.09 14.70 29.33
CA ASN D 200 50.71 15.50 30.50
C ASN D 200 49.43 15.02 31.18
N LEU D 201 48.65 14.17 30.55
CA LEU D 201 47.39 13.66 31.12
C LEU D 201 47.72 12.58 32.15
N VAL D 202 48.16 13.02 33.32
CA VAL D 202 48.65 12.10 34.35
C VAL D 202 47.50 11.40 35.08
N ASN D 203 46.33 12.04 35.15
CA ASN D 203 45.18 11.43 35.81
C ASN D 203 44.26 10.70 34.84
N LEU D 204 44.69 10.45 33.61
CA LEU D 204 43.87 9.76 32.63
C LEU D 204 43.53 8.35 33.11
N ARG D 205 42.26 7.99 32.98
CA ARG D 205 41.77 6.71 33.47
C ARG D 205 41.17 5.84 32.37
N GLU D 206 40.66 6.45 31.31
CA GLU D 206 40.04 5.74 30.20
C GLU D 206 40.46 6.36 28.88
N LEU D 207 41.01 5.54 27.98
CA LEU D 207 41.45 5.99 26.67
C LEU D 207 40.89 5.06 25.61
N TYR D 208 40.00 5.58 24.76
CA TYR D 208 39.33 4.81 23.72
C TYR D 208 39.82 5.25 22.36
N LEU D 209 40.50 4.36 21.62
CA LEU D 209 41.04 4.69 20.31
C LEU D 209 40.71 3.62 19.27
N SER D 210 39.51 3.05 19.34
CA SER D 210 39.14 2.01 18.40
C SER D 210 38.86 2.59 17.01
N HIS D 211 39.04 1.76 15.99
CA HIS D 211 38.77 2.11 14.59
C HIS D 211 39.59 3.34 14.17
N ASN D 212 40.90 3.10 14.06
CA ASN D 212 41.84 4.11 13.62
C ASN D 212 42.89 3.39 12.77
N GLY D 213 44.03 4.04 12.57
CA GLY D 213 45.12 3.48 11.80
C GLY D 213 46.40 3.38 12.58
N ILE D 214 46.28 3.22 13.90
CA ILE D 214 47.46 3.08 14.75
C ILE D 214 48.15 1.76 14.47
N GLU D 215 49.48 1.80 14.38
CA GLU D 215 50.28 0.59 14.18
C GLU D 215 51.11 0.20 15.38
N VAL D 216 51.38 1.12 16.30
CA VAL D 216 52.32 0.88 17.40
C VAL D 216 51.73 1.42 18.69
N ILE D 217 51.86 0.64 19.77
CA ILE D 217 51.47 1.09 21.09
C ILE D 217 52.65 1.85 21.70
N GLU D 218 52.44 3.12 22.02
CA GLU D 218 53.49 4.00 22.52
C GLU D 218 52.82 5.22 23.14
N GLY D 219 53.64 6.10 23.70
CA GLY D 219 53.11 7.37 24.20
C GLY D 219 52.25 7.25 25.42
N LEU D 220 52.35 6.16 26.18
CA LEU D 220 51.58 5.99 27.40
C LEU D 220 52.46 6.03 28.64
N GLU D 221 53.63 6.67 28.55
CA GLU D 221 54.62 6.58 29.62
C GLU D 221 54.14 7.20 30.93
N ASN D 222 53.29 8.22 30.88
CA ASN D 222 52.90 8.91 32.10
C ASN D 222 51.49 8.61 32.58
N ASN D 223 50.71 7.84 31.83
CA ASN D 223 49.30 7.60 32.15
C ASN D 223 49.15 6.35 33.03
N ASN D 224 49.93 6.32 34.11
CA ASN D 224 50.00 5.13 34.96
C ASN D 224 48.63 4.69 35.47
N LYS D 225 47.75 5.64 35.75
CA LYS D 225 46.51 5.31 36.41
C LYS D 225 45.42 4.81 35.45
N LEU D 226 45.78 4.51 34.20
CA LEU D 226 44.81 3.97 33.26
C LEU D 226 44.24 2.65 33.77
N THR D 227 42.91 2.58 33.85
CA THR D 227 42.23 1.34 34.18
C THR D 227 41.46 0.76 33.00
N MET D 228 41.27 1.54 31.94
CA MET D 228 40.48 1.14 30.79
C MET D 228 41.18 1.66 29.54
N LEU D 229 41.71 0.76 28.73
CA LEU D 229 42.41 1.15 27.51
C LEU D 229 41.88 0.33 26.36
N ASP D 230 41.52 1.01 25.27
CA ASP D 230 40.83 0.40 24.14
C ASP D 230 41.51 0.85 22.85
N ILE D 231 42.20 -0.07 22.19
CA ILE D 231 42.82 0.22 20.90
C ILE D 231 42.37 -0.83 19.89
N ALA D 232 41.17 -1.37 20.09
CA ALA D 232 40.68 -2.42 19.21
C ALA D 232 40.46 -1.87 17.80
N SER D 233 40.33 -2.79 16.85
CA SER D 233 40.03 -2.46 15.45
C SER D 233 41.01 -1.43 14.89
N ASN D 234 42.30 -1.75 14.98
CA ASN D 234 43.36 -0.94 14.37
C ASN D 234 44.27 -1.80 13.52
N ARG D 235 45.55 -1.44 13.43
CA ARG D 235 46.55 -2.21 12.70
C ARG D 235 47.79 -2.42 13.55
N ILE D 236 47.57 -2.81 14.80
CA ILE D 236 48.63 -3.03 15.78
C ILE D 236 49.12 -4.46 15.66
N LYS D 237 50.44 -4.64 15.55
CA LYS D 237 51.02 -5.95 15.35
C LYS D 237 51.59 -6.56 16.62
N LYS D 238 51.92 -5.74 17.62
CA LYS D 238 52.64 -6.21 18.80
C LYS D 238 52.24 -5.40 20.02
N ILE D 239 52.12 -6.08 21.15
CA ILE D 239 51.83 -5.45 22.43
C ILE D 239 53.14 -5.02 23.08
N GLU D 240 53.30 -3.72 23.30
CA GLU D 240 54.50 -3.16 23.91
C GLU D 240 54.12 -2.04 24.87
N ASN D 241 55.09 -1.69 25.71
CA ASN D 241 55.11 -0.39 26.40
C ASN D 241 53.89 -0.16 27.26
N ILE D 242 53.32 -1.22 27.83
CA ILE D 242 52.18 -1.05 28.73
C ILE D 242 52.41 -1.82 30.03
N SER D 243 53.64 -2.32 30.22
CA SER D 243 53.95 -3.09 31.42
C SER D 243 53.84 -2.25 32.68
N HIS D 244 53.98 -0.93 32.59
CA HIS D 244 53.84 -0.07 33.76
C HIS D 244 52.38 0.21 34.10
N LEU D 245 51.45 -0.05 33.18
CA LEU D 245 50.03 0.16 33.43
C LEU D 245 49.48 -0.91 34.36
N THR D 246 49.87 -0.86 35.62
CA THR D 246 49.52 -1.88 36.58
C THR D 246 48.09 -1.75 37.09
N GLU D 247 47.36 -0.73 36.65
CA GLU D 247 45.98 -0.52 37.09
C GLU D 247 44.97 -0.97 36.04
N LEU D 248 45.42 -1.57 34.94
CA LEU D 248 44.52 -1.94 33.86
C LEU D 248 43.47 -2.94 34.34
N GLN D 249 42.21 -2.61 34.09
CA GLN D 249 41.09 -3.49 34.39
C GLN D 249 40.41 -4.02 33.14
N GLU D 250 40.40 -3.22 32.07
CA GLU D 250 39.82 -3.62 30.79
C GLU D 250 40.81 -3.26 29.70
N PHE D 251 41.13 -4.25 28.86
CA PHE D 251 42.04 -4.08 27.73
C PHE D 251 41.31 -4.61 26.49
N TRP D 252 40.87 -3.70 25.63
CA TRP D 252 40.09 -4.05 24.44
C TRP D 252 41.00 -3.95 23.23
N MET D 253 41.25 -5.10 22.57
CA MET D 253 42.21 -5.15 21.48
C MET D 253 41.76 -6.08 20.35
N ASN D 254 40.47 -6.30 20.21
CA ASN D 254 39.98 -7.12 19.11
C ASN D 254 40.32 -6.50 17.75
N ASP D 255 40.36 -7.35 16.73
CA ASP D 255 40.49 -6.91 15.33
C ASP D 255 41.80 -6.14 15.09
N ASN D 256 42.91 -6.76 15.46
CA ASN D 256 44.23 -6.21 15.16
C ASN D 256 45.05 -7.31 14.49
N LEU D 257 46.38 -7.19 14.57
CA LEU D 257 47.27 -8.11 13.89
C LEU D 257 48.21 -8.82 14.86
N LEU D 258 47.76 -9.06 16.08
CA LEU D 258 48.62 -9.66 17.10
C LEU D 258 48.98 -11.09 16.75
N GLU D 259 50.27 -11.43 16.92
CA GLU D 259 50.79 -12.73 16.52
C GLU D 259 51.49 -13.52 17.62
N SER D 260 51.99 -12.88 18.68
CA SER D 260 52.84 -13.55 19.65
C SER D 260 52.12 -13.71 20.99
N TRP D 261 52.00 -14.97 21.44
CA TRP D 261 51.51 -15.22 22.80
C TRP D 261 52.45 -14.70 23.86
N SER D 262 53.74 -14.55 23.54
CA SER D 262 54.68 -13.98 24.50
C SER D 262 54.43 -12.50 24.74
N ASP D 263 53.70 -11.83 23.82
CA ASP D 263 53.37 -10.42 24.02
C ASP D 263 52.59 -10.20 25.31
N LEU D 264 51.84 -11.21 25.75
CA LEU D 264 51.03 -11.07 26.95
C LEU D 264 51.86 -10.92 28.22
N ASP D 265 53.19 -11.05 28.15
CA ASP D 265 54.01 -10.79 29.32
C ASP D 265 53.86 -9.35 29.77
N GLU D 266 53.54 -8.45 28.85
CA GLU D 266 53.40 -7.04 29.18
C GLU D 266 52.27 -6.80 30.17
N LEU D 267 51.29 -7.69 30.21
CA LEU D 267 50.11 -7.50 31.05
C LEU D 267 50.19 -8.22 32.38
N LYS D 268 51.33 -8.86 32.68
CA LYS D 268 51.42 -9.63 33.91
C LYS D 268 51.43 -8.75 35.15
N GLY D 269 51.84 -7.48 35.02
CA GLY D 269 51.80 -6.59 36.18
C GLY D 269 50.40 -6.17 36.59
N ALA D 270 49.44 -6.28 35.67
CA ALA D 270 48.05 -5.91 35.97
C ALA D 270 47.38 -7.09 36.65
N ARG D 271 47.47 -7.13 37.98
CA ARG D 271 46.89 -8.24 38.73
C ARG D 271 45.40 -8.06 38.99
N SER D 272 44.83 -6.91 38.63
CA SER D 272 43.39 -6.71 38.72
C SER D 272 42.77 -6.56 37.33
N LEU D 273 43.46 -7.09 36.32
CA LEU D 273 42.95 -7.12 34.96
C LEU D 273 41.74 -8.04 34.91
N GLU D 274 40.61 -7.52 34.44
CA GLU D 274 39.33 -8.23 34.50
C GLU D 274 38.82 -8.66 33.13
N THR D 275 38.91 -7.79 32.13
CA THR D 275 38.40 -8.10 30.80
C THR D 275 39.51 -7.90 29.79
N VAL D 276 39.64 -8.85 28.88
CA VAL D 276 40.53 -8.72 27.73
C VAL D 276 39.73 -9.10 26.48
N TYR D 277 39.88 -8.30 25.44
CA TYR D 277 39.31 -8.60 24.13
C TYR D 277 40.47 -8.86 23.19
N LEU D 278 40.49 -10.05 22.59
CA LEU D 278 41.55 -10.42 21.66
C LEU D 278 41.03 -11.08 20.40
N GLU D 279 39.71 -11.24 20.25
CA GLU D 279 39.17 -12.00 19.14
C GLU D 279 39.49 -11.34 17.80
N ARG D 280 39.45 -12.16 16.74
CA ARG D 280 39.74 -11.74 15.37
C ARG D 280 41.14 -11.13 15.24
N ASN D 281 42.04 -11.52 16.11
CA ASN D 281 43.47 -11.37 15.89
C ASN D 281 44.04 -12.67 15.36
N PRO D 282 45.22 -12.63 14.73
CA PRO D 282 45.86 -13.90 14.33
C PRO D 282 46.01 -14.87 15.48
N LEU D 283 46.14 -14.37 16.72
CA LEU D 283 46.20 -15.22 17.90
C LEU D 283 45.05 -16.22 17.94
N GLN D 284 43.85 -15.78 17.54
CA GLN D 284 42.67 -16.63 17.66
C GLN D 284 42.70 -17.81 16.69
N LYS D 285 43.65 -17.83 15.76
CA LYS D 285 43.87 -19.02 14.94
C LYS D 285 44.36 -20.19 15.77
N ASP D 286 44.99 -19.91 16.91
CA ASP D 286 45.51 -20.94 17.80
C ASP D 286 44.38 -21.80 18.35
N PRO D 287 44.40 -23.12 18.17
CA PRO D 287 43.34 -23.97 18.76
C PRO D 287 43.34 -23.98 20.28
N GLN D 288 44.36 -23.41 20.93
CA GLN D 288 44.40 -23.28 22.38
C GLN D 288 44.21 -21.82 22.81
N TYR D 289 43.55 -21.02 21.97
CA TYR D 289 43.47 -19.58 22.19
C TYR D 289 42.93 -19.24 23.58
N ARG D 290 41.73 -19.73 23.91
CA ARG D 290 41.18 -19.41 25.22
C ARG D 290 42.03 -19.98 26.35
N ARG D 291 42.60 -21.17 26.15
CA ARG D 291 43.46 -21.75 27.17
C ARG D 291 44.69 -20.88 27.42
N LYS D 292 45.32 -20.43 26.34
CA LYS D 292 46.54 -19.63 26.48
C LYS D 292 46.26 -18.29 27.15
N VAL D 293 45.10 -17.69 26.86
CA VAL D 293 44.75 -16.42 27.51
C VAL D 293 44.64 -16.63 29.02
N MET D 294 43.97 -17.71 29.46
CA MET D 294 43.80 -17.93 30.89
C MET D 294 45.14 -18.20 31.57
N LEU D 295 46.05 -18.92 30.90
CA LEU D 295 47.35 -19.22 31.49
C LEU D 295 48.20 -17.95 31.65
N ALA D 296 48.19 -17.07 30.65
CA ALA D 296 49.00 -15.86 30.71
C ALA D 296 48.43 -14.84 31.68
N LEU D 297 47.10 -14.74 31.75
CA LEU D 297 46.41 -13.72 32.54
C LEU D 297 45.45 -14.42 33.49
N PRO D 298 45.96 -14.99 34.58
CA PRO D 298 45.08 -15.73 35.51
C PRO D 298 44.06 -14.86 36.23
N SER D 299 44.24 -13.54 36.27
CA SER D 299 43.24 -12.71 36.93
C SER D 299 42.05 -12.38 36.03
N VAL D 300 42.16 -12.62 34.72
CA VAL D 300 41.10 -12.24 33.79
C VAL D 300 39.88 -13.14 34.00
N ARG D 301 38.70 -12.51 34.08
CA ARG D 301 37.45 -13.24 34.24
C ARG D 301 36.56 -13.18 33.01
N GLN D 302 36.84 -12.30 32.05
CA GLN D 302 36.06 -12.18 30.83
C GLN D 302 37.03 -12.18 29.65
N ILE D 303 36.83 -13.10 28.73
CA ILE D 303 37.62 -13.18 27.50
C ILE D 303 36.68 -12.97 26.33
N ASP D 304 36.82 -11.85 25.64
CA ASP D 304 35.89 -11.43 24.58
C ASP D 304 34.50 -11.37 25.21
N ALA D 305 33.48 -12.02 24.65
CA ALA D 305 32.14 -11.81 25.14
C ALA D 305 31.84 -12.61 26.40
N THR D 306 32.52 -13.74 26.62
CA THR D 306 32.06 -14.70 27.60
C THR D 306 32.94 -14.70 28.85
N PHE D 307 32.30 -14.98 29.99
CA PHE D 307 33.00 -15.08 31.27
C PHE D 307 33.65 -16.44 31.42
N VAL D 308 34.76 -16.46 32.19
CA VAL D 308 35.52 -17.67 32.43
C VAL D 308 34.89 -18.54 33.49
P PO4 E . -15.21 3.59 -14.71
O1 PO4 E . -15.85 4.46 -15.78
O2 PO4 E . -15.10 2.17 -15.23
O3 PO4 E . -13.82 4.11 -14.37
O4 PO4 E . -16.04 3.64 -13.45
P PO4 F . 1.96 -10.84 -1.68
O1 PO4 F . 0.53 -11.02 -1.24
O2 PO4 F . 2.77 -10.20 -0.57
O3 PO4 F . 2.01 -9.93 -2.88
O4 PO4 F . 2.56 -12.20 -2.02
FE FE G . -16.45 3.35 -11.34
CL CL H . -24.18 13.78 10.31
CL CL I . -35.64 2.92 -0.08
C1 MPD J . -5.33 1.41 9.56
C2 MPD J . -5.81 2.73 8.97
O2 MPD J . -5.20 3.81 9.63
CM MPD J . -5.51 2.80 7.48
C3 MPD J . -7.32 2.84 9.18
C4 MPD J . -7.57 3.20 10.65
O4 MPD J . -6.94 4.42 10.92
C5 MPD J . -9.07 3.31 10.87
C1 MPD K . -34.10 -16.45 -5.92
C2 MPD K . -35.00 -17.68 -5.96
O2 MPD K . -34.22 -18.84 -5.75
CM MPD K . -36.06 -17.57 -4.86
C3 MPD K . -35.71 -17.78 -7.32
C4 MPD K . -34.73 -18.05 -8.46
O4 MPD K . -33.95 -19.18 -8.20
C5 MPD K . -35.51 -18.25 -9.77
P PO4 L . 19.49 3.89 8.49
O1 PO4 L . 18.02 3.82 8.80
O2 PO4 L . 19.71 4.63 7.18
O3 PO4 L . 20.05 2.49 8.35
O4 PO4 L . 20.20 4.62 9.61
FE FE M . 18.93 0.56 8.45
CL CL N . 27.14 -19.15 14.03
P PO4 O . -20.06 16.69 -29.66
O1 PO4 O . -20.82 16.51 -30.97
O2 PO4 O . -20.73 17.79 -28.87
O3 PO4 O . -20.09 15.40 -28.86
O4 PO4 O . -18.61 17.03 -29.93
P PO4 P . -9.88 10.51 -29.02
O1 PO4 P . -11.16 10.71 -28.23
O2 PO4 P . -10.13 10.87 -30.47
O3 PO4 P . -9.43 9.06 -28.93
O4 PO4 P . -8.81 11.40 -28.45
P PO4 Q . -51.54 14.36 -11.88
O1 PO4 Q . -52.33 15.65 -11.93
O2 PO4 Q . -50.97 14.08 -13.25
O3 PO4 Q . -52.45 13.22 -11.49
O4 PO4 Q . -50.41 14.49 -10.87
C1 MPD R . -41.09 9.93 -7.02
C2 MPD R . -42.49 10.38 -7.48
O2 MPD R . -42.95 11.41 -6.65
CM MPD R . -42.42 10.91 -8.91
C3 MPD R . -43.44 9.19 -7.40
C4 MPD R . -43.70 8.82 -5.95
O4 MPD R . -44.02 9.97 -5.21
C5 MPD R . -44.83 7.80 -5.82
C1 MPD S . -47.30 -12.54 -13.35
C2 MPD S . -46.93 -13.57 -14.43
O2 MPD S . -46.22 -14.62 -13.83
CM MPD S . -48.22 -14.08 -15.07
C3 MPD S . -46.04 -12.92 -15.49
C4 MPD S . -44.80 -13.79 -15.73
O4 MPD S . -45.17 -15.15 -15.69
C5 MPD S . -44.20 -13.49 -17.10
P PO4 T . 36.96 13.78 3.53
O1 PO4 T . 35.71 14.61 3.77
O2 PO4 T . 38.17 14.56 3.99
O3 PO4 T . 37.06 13.43 2.06
O4 PO4 T . 36.85 12.50 4.33
P PO4 U . 25.75 18.62 4.19
O1 PO4 U . 24.25 18.77 4.26
O2 PO4 U . 26.40 19.98 4.09
O3 PO4 U . 26.11 17.80 2.98
O4 PO4 U . 26.26 17.91 5.43
#